data_6CEG
#
_entry.id   6CEG
#
_entity_poly.entity_id   1
_entity_poly.type   'polypeptide(L)'
_entity_poly.pdbx_seq_one_letter_code
;CKP(HYP)GSKCS(HYP)SMRDCCTTCISYTKRCRKYY
;
_entity_poly.pdbx_strand_id   A
#
# COMPACT_ATOMS: atom_id res chain seq x y z
N CYS A 1 8.65 5.19 -2.22
CA CYS A 1 7.46 4.39 -1.96
C CYS A 1 7.05 4.52 -0.53
N LYS A 2 5.81 4.20 -0.28
CA LYS A 2 5.27 4.25 1.05
C LYS A 2 5.52 2.94 1.81
N PRO A 3 5.99 3.03 3.06
CA PRO A 3 6.24 1.85 3.91
C PRO A 3 4.93 1.10 4.25
N HYP A 4 5.02 -0.19 4.61
CA HYP A 4 3.84 -1.01 4.97
C HYP A 4 3.02 -0.36 6.08
O HYP A 4 3.56 0.16 7.06
CB HYP A 4 4.46 -2.31 5.44
CG HYP A 4 5.68 -2.42 4.62
CD HYP A 4 6.25 -1.04 4.58
OD1 HYP A 4 5.36 -2.78 3.29
HA HYP A 4 3.21 -1.18 4.11
HB2 HYP A 4 3.79 -3.13 5.25
HB3 HYP A 4 4.68 -2.26 6.49
HG HYP A 4 6.36 -3.17 5.02
HD22 HYP A 4 6.79 -0.89 3.66
HD23 HYP A 4 6.87 -0.85 5.44
HD1 HYP A 4 4.54 -3.28 3.33
N GLY A 5 1.72 -0.35 5.89
CA GLY A 5 0.82 0.23 6.83
C GLY A 5 0.45 1.65 6.52
N SER A 6 1.20 2.29 5.64
CA SER A 6 0.87 3.64 5.24
C SER A 6 -0.39 3.67 4.48
N LYS A 7 -0.86 4.81 4.32
CA LYS A 7 -2.08 5.04 3.59
C LYS A 7 -1.66 5.27 2.17
N CYS A 8 -2.38 4.74 1.23
CA CYS A 8 -1.98 4.84 -0.16
C CYS A 8 -3.13 5.05 -1.10
N SER A 9 -2.78 5.20 -2.36
CA SER A 9 -3.70 5.31 -3.40
C SER A 9 -3.81 3.98 -4.18
N HYP A 10 -5.02 3.41 -4.26
CA HYP A 10 -5.29 2.03 -4.74
C HYP A 10 -4.76 1.69 -6.14
O HYP A 10 -4.26 0.58 -6.35
CB HYP A 10 -6.83 1.95 -4.70
CG HYP A 10 -7.24 3.25 -4.09
CD HYP A 10 -6.22 4.21 -4.50
OD1 HYP A 10 -7.16 3.18 -2.68
HA HYP A 10 -4.90 1.31 -4.03
HB2 HYP A 10 -7.14 1.12 -4.10
HB3 HYP A 10 -7.21 1.84 -5.71
HG HYP A 10 -8.25 3.52 -4.35
HD22 HYP A 10 -6.24 5.11 -3.89
HD23 HYP A 10 -6.34 4.44 -5.54
HD1 HYP A 10 -6.38 3.75 -2.52
N SER A 11 -4.85 2.60 -7.07
CA SER A 11 -4.43 2.29 -8.42
C SER A 11 -3.02 2.82 -8.71
N MET A 12 -2.41 3.45 -7.74
CA MET A 12 -1.05 3.92 -7.90
C MET A 12 -0.07 2.88 -7.48
N ARG A 13 -0.46 2.10 -6.47
CA ARG A 13 0.38 1.05 -5.89
C ARG A 13 1.75 1.64 -5.49
N ASP A 14 1.67 2.81 -4.90
CA ASP A 14 2.81 3.64 -4.53
C ASP A 14 3.46 3.20 -3.22
N CYS A 15 3.11 2.04 -2.76
CA CYS A 15 3.70 1.46 -1.58
C CYS A 15 4.90 0.66 -1.99
N CYS A 16 5.78 0.41 -1.05
CA CYS A 16 6.96 -0.38 -1.30
C CYS A 16 6.61 -1.81 -1.62
N THR A 17 5.50 -2.25 -1.12
CA THR A 17 5.01 -3.56 -1.43
C THR A 17 3.85 -3.50 -2.42
N THR A 18 2.69 -3.23 -1.89
CA THR A 18 1.45 -3.23 -2.60
C THR A 18 0.50 -2.30 -1.84
N CYS A 19 -0.50 -1.78 -2.47
CA CYS A 19 -1.48 -0.95 -1.81
C CYS A 19 -2.77 -1.72 -1.75
N ILE A 20 -3.23 -2.01 -0.57
CA ILE A 20 -4.45 -2.74 -0.36
C ILE A 20 -5.62 -1.87 -0.81
N SER A 21 -6.26 -2.26 -1.88
CA SER A 21 -7.32 -1.46 -2.48
C SER A 21 -8.56 -1.32 -1.58
N TYR A 22 -8.67 -2.17 -0.60
CA TYR A 22 -9.77 -2.15 0.34
C TYR A 22 -9.47 -1.20 1.51
N THR A 23 -8.36 -1.44 2.12
CA THR A 23 -7.98 -0.74 3.34
C THR A 23 -7.24 0.59 3.05
N LYS A 24 -6.83 0.76 1.80
CA LYS A 24 -6.06 1.92 1.34
C LYS A 24 -4.76 2.00 2.11
N ARG A 25 -4.20 0.87 2.44
CA ARG A 25 -2.98 0.83 3.21
C ARG A 25 -1.95 -0.01 2.51
N CYS A 26 -0.72 0.17 2.88
CA CYS A 26 0.35 -0.54 2.28
C CYS A 26 0.46 -1.92 2.85
N ARG A 27 0.49 -2.87 1.95
CA ARG A 27 0.51 -4.28 2.25
C ARG A 27 1.72 -4.68 3.11
N LYS A 28 1.59 -5.81 3.75
CA LYS A 28 2.64 -6.44 4.50
C LYS A 28 3.70 -6.92 3.50
N TYR A 29 4.72 -7.51 4.01
CA TYR A 29 5.80 -8.00 3.19
C TYR A 29 5.40 -9.29 2.51
N TYR A 30 4.92 -10.19 3.31
CA TYR A 30 4.44 -11.45 2.85
C TYR A 30 2.94 -11.53 2.97
N CYS A 1 8.83 4.67 -2.20
CA CYS A 1 7.60 3.92 -1.94
C CYS A 1 7.18 4.09 -0.51
N LYS A 2 5.93 3.77 -0.26
CA LYS A 2 5.36 3.82 1.08
C LYS A 2 5.54 2.48 1.80
N PRO A 3 5.85 2.53 3.11
CA PRO A 3 6.05 1.33 3.94
C PRO A 3 4.71 0.67 4.32
N HYP A 4 4.72 -0.62 4.77
CA HYP A 4 3.49 -1.33 5.15
C HYP A 4 2.68 -0.58 6.19
O HYP A 4 3.23 0.00 7.14
CB HYP A 4 4.01 -2.64 5.76
CG HYP A 4 5.40 -2.78 5.23
CD HYP A 4 5.93 -1.40 5.14
OD1 HYP A 4 5.38 -3.33 3.91
HA HYP A 4 2.87 -1.55 4.29
HB2 HYP A 4 3.38 -3.45 5.46
HB3 HYP A 4 4.00 -2.56 6.84
HG HYP A 4 5.97 -3.44 5.85
HD22 HYP A 4 6.68 -1.33 4.36
HD23 HYP A 4 6.32 -1.07 6.09
HD1 HYP A 4 4.47 -3.30 3.61
N GLY A 5 1.38 -0.56 6.00
CA GLY A 5 0.51 0.11 6.93
C GLY A 5 0.32 1.58 6.66
N SER A 6 1.09 2.12 5.74
CA SER A 6 0.88 3.48 5.34
C SER A 6 -0.34 3.54 4.53
N LYS A 7 -0.76 4.69 4.32
CA LYS A 7 -1.94 4.94 3.55
C LYS A 7 -1.45 5.05 2.12
N CYS A 8 -2.24 4.62 1.20
CA CYS A 8 -1.83 4.69 -0.18
C CYS A 8 -2.92 5.18 -1.10
N SER A 9 -2.53 5.39 -2.33
CA SER A 9 -3.38 5.77 -3.34
C SER A 9 -3.67 4.53 -4.25
N HYP A 10 -4.97 4.17 -4.39
CA HYP A 10 -5.45 2.93 -5.01
C HYP A 10 -4.72 2.49 -6.31
O HYP A 10 -3.89 1.56 -6.29
CB HYP A 10 -6.93 3.27 -5.30
CG HYP A 10 -7.02 4.78 -5.20
CD HYP A 10 -5.63 5.30 -5.02
OD1 HYP A 10 -7.76 5.17 -4.05
HA HYP A 10 -5.43 2.11 -4.31
HB2 HYP A 10 -7.57 2.79 -4.57
HB3 HYP A 10 -7.18 2.92 -6.29
HG HYP A 10 -7.53 5.18 -6.06
HD22 HYP A 10 -5.61 6.17 -4.40
HD23 HYP A 10 -5.18 5.51 -5.98
HD1 HYP A 10 -7.30 5.96 -3.74
N SER A 11 -4.98 3.19 -7.39
CA SER A 11 -4.48 2.83 -8.70
C SER A 11 -2.97 3.13 -8.86
N MET A 12 -2.39 3.83 -7.90
CA MET A 12 -0.98 4.19 -7.97
C MET A 12 -0.11 3.07 -7.45
N ARG A 13 -0.62 2.38 -6.45
CA ARG A 13 0.09 1.33 -5.74
C ARG A 13 1.46 1.86 -5.29
N ASP A 14 1.43 3.00 -4.65
CA ASP A 14 2.62 3.78 -4.26
C ASP A 14 3.35 3.21 -3.05
N CYS A 15 3.00 2.02 -2.68
CA CYS A 15 3.63 1.31 -1.61
C CYS A 15 4.80 0.53 -2.14
N CYS A 16 5.66 0.08 -1.26
CA CYS A 16 6.79 -0.73 -1.65
C CYS A 16 6.32 -2.09 -2.14
N THR A 17 5.27 -2.57 -1.54
CA THR A 17 4.69 -3.84 -1.88
C THR A 17 3.53 -3.63 -2.85
N THR A 18 2.41 -3.25 -2.30
CA THR A 18 1.23 -2.95 -3.03
C THR A 18 0.28 -2.22 -2.09
N CYS A 19 -0.76 -1.71 -2.64
CA CYS A 19 -1.74 -0.95 -1.92
C CYS A 19 -2.99 -1.79 -1.80
N ILE A 20 -3.35 -2.10 -0.58
CA ILE A 20 -4.53 -2.86 -0.27
C ILE A 20 -5.72 -2.01 -0.71
N SER A 21 -6.33 -2.38 -1.81
CA SER A 21 -7.39 -1.60 -2.42
C SER A 21 -8.65 -1.52 -1.55
N TYR A 22 -8.75 -2.41 -0.58
CA TYR A 22 -9.87 -2.42 0.33
C TYR A 22 -9.73 -1.32 1.37
N THR A 23 -8.62 -1.35 2.06
CA THR A 23 -8.38 -0.47 3.20
C THR A 23 -7.57 0.81 2.83
N LYS A 24 -6.90 0.76 1.68
CA LYS A 24 -6.02 1.82 1.16
C LYS A 24 -4.78 1.94 2.02
N ARG A 25 -4.23 0.82 2.37
CA ARG A 25 -3.02 0.78 3.14
C ARG A 25 -2.00 -0.07 2.43
N CYS A 26 -0.78 0.04 2.81
CA CYS A 26 0.26 -0.70 2.19
C CYS A 26 0.39 -2.07 2.78
N ARG A 27 0.52 -3.04 1.93
CA ARG A 27 0.65 -4.42 2.33
C ARG A 27 2.01 -4.63 2.98
N LYS A 28 2.17 -5.69 3.71
CA LYS A 28 3.43 -6.00 4.31
C LYS A 28 4.26 -6.76 3.31
N TYR A 29 5.47 -7.04 3.69
CA TYR A 29 6.36 -7.82 2.89
C TYR A 29 5.93 -9.26 2.97
N TYR A 30 5.77 -9.70 4.18
CA TYR A 30 5.27 -10.99 4.46
C TYR A 30 4.07 -10.83 5.35
N CYS A 1 8.45 5.49 -1.88
CA CYS A 1 7.28 4.66 -1.73
C CYS A 1 6.79 4.64 -0.31
N LYS A 2 5.56 4.27 -0.13
CA LYS A 2 4.95 4.17 1.17
C LYS A 2 5.33 2.82 1.78
N PRO A 3 5.73 2.82 3.05
CA PRO A 3 6.06 1.60 3.76
C PRO A 3 4.78 0.81 4.12
N HYP A 4 4.91 -0.48 4.47
CA HYP A 4 3.75 -1.32 4.84
C HYP A 4 2.91 -0.71 5.95
O HYP A 4 3.43 -0.23 6.96
CB HYP A 4 4.40 -2.62 5.31
CG HYP A 4 5.64 -2.69 4.50
CD HYP A 4 6.15 -1.28 4.43
OD1 HYP A 4 5.35 -3.08 3.18
HA HYP A 4 3.12 -1.51 3.99
HB2 HYP A 4 3.74 -3.44 5.10
HB3 HYP A 4 4.59 -2.56 6.37
HG HYP A 4 6.33 -3.41 4.91
HD22 HYP A 4 6.69 -1.13 3.52
HD23 HYP A 4 6.78 -1.08 5.29
HD1 HYP A 4 4.47 -3.50 3.20
N GLY A 5 1.61 -0.68 5.73
CA GLY A 5 0.70 -0.11 6.71
C GLY A 5 0.38 1.35 6.47
N SER A 6 1.17 2.01 5.64
CA SER A 6 0.90 3.39 5.29
C SER A 6 -0.33 3.46 4.47
N LYS A 7 -0.78 4.63 4.33
CA LYS A 7 -1.94 4.90 3.56
C LYS A 7 -1.48 5.03 2.13
N CYS A 8 -2.26 4.52 1.22
CA CYS A 8 -1.85 4.53 -0.17
C CYS A 8 -2.94 4.95 -1.11
N SER A 9 -2.57 5.04 -2.36
CA SER A 9 -3.41 5.38 -3.42
C SER A 9 -3.88 4.08 -4.11
N HYP A 10 -5.20 3.86 -4.12
CA HYP A 10 -5.91 2.61 -4.48
C HYP A 10 -5.84 2.22 -5.98
O HYP A 10 -6.78 1.64 -6.52
CB HYP A 10 -7.34 3.07 -4.16
CG HYP A 10 -7.28 4.60 -4.28
CD HYP A 10 -5.93 4.93 -4.76
OD1 HYP A 10 -7.37 5.20 -3.00
HA HYP A 10 -5.67 1.77 -3.83
HB2 HYP A 10 -7.61 2.77 -3.16
HB3 HYP A 10 -8.02 2.64 -4.87
HG HYP A 10 -8.08 5.01 -4.87
HD22 HYP A 10 -5.61 5.90 -4.41
HD23 HYP A 10 -5.89 4.86 -5.84
HD1 HYP A 10 -6.44 5.22 -2.76
N SER A 11 -4.72 2.47 -6.61
CA SER A 11 -4.57 2.24 -8.03
C SER A 11 -3.13 2.42 -8.45
N MET A 12 -2.54 3.52 -8.01
CA MET A 12 -1.19 3.91 -8.44
C MET A 12 -0.11 3.02 -7.87
N ARG A 13 -0.43 2.34 -6.78
CA ARG A 13 0.49 1.50 -6.04
C ARG A 13 1.73 2.30 -5.66
N ASP A 14 1.56 3.17 -4.72
CA ASP A 14 2.61 4.05 -4.25
C ASP A 14 3.34 3.44 -3.07
N CYS A 15 2.97 2.24 -2.72
CA CYS A 15 3.64 1.51 -1.66
C CYS A 15 4.83 0.80 -2.23
N CYS A 16 5.78 0.51 -1.37
CA CYS A 16 6.97 -0.21 -1.74
C CYS A 16 6.60 -1.63 -2.19
N THR A 17 5.61 -2.19 -1.53
CA THR A 17 5.16 -3.53 -1.81
C THR A 17 3.96 -3.52 -2.75
N THR A 18 2.81 -3.30 -2.18
CA THR A 18 1.54 -3.31 -2.85
C THR A 18 0.60 -2.44 -2.02
N CYS A 19 -0.35 -1.82 -2.67
CA CYS A 19 -1.36 -1.03 -2.00
C CYS A 19 -2.62 -1.86 -1.95
N ILE A 20 -3.21 -1.96 -0.81
CA ILE A 20 -4.43 -2.69 -0.64
C ILE A 20 -5.57 -1.70 -0.77
N SER A 21 -6.16 -1.64 -1.94
CA SER A 21 -7.21 -0.68 -2.29
C SER A 21 -8.48 -0.81 -1.45
N TYR A 22 -8.60 -1.88 -0.68
CA TYR A 22 -9.72 -2.07 0.20
C TYR A 22 -9.67 -1.04 1.32
N THR A 23 -8.58 -1.03 2.03
CA THR A 23 -8.42 -0.16 3.18
C THR A 23 -7.53 1.07 2.84
N LYS A 24 -6.88 1.01 1.68
CA LYS A 24 -5.91 2.01 1.22
C LYS A 24 -4.73 2.06 2.13
N ARG A 25 -4.19 0.89 2.40
CA ARG A 25 -3.00 0.75 3.19
C ARG A 25 -2.05 -0.17 2.47
N CYS A 26 -0.80 -0.07 2.79
CA CYS A 26 0.22 -0.82 2.14
C CYS A 26 0.34 -2.22 2.70
N ARG A 27 0.49 -3.16 1.79
CA ARG A 27 0.61 -4.58 2.08
C ARG A 27 1.89 -4.87 2.85
N LYS A 28 1.90 -5.96 3.56
CA LYS A 28 3.05 -6.34 4.34
C LYS A 28 3.93 -7.25 3.49
N TYR A 29 5.04 -7.61 4.02
CA TYR A 29 5.98 -8.44 3.31
C TYR A 29 5.56 -9.89 3.30
N TYR A 30 5.45 -10.47 4.47
CA TYR A 30 5.10 -11.85 4.58
C TYR A 30 3.91 -11.99 5.49
N CYS A 1 8.77 5.02 -1.93
CA CYS A 1 7.51 4.32 -1.75
C CYS A 1 7.03 4.43 -0.32
N LYS A 2 5.77 4.08 -0.10
CA LYS A 2 5.20 4.07 1.22
C LYS A 2 5.47 2.74 1.89
N PRO A 3 5.86 2.75 3.17
CA PRO A 3 6.12 1.54 3.93
C PRO A 3 4.80 0.81 4.26
N HYP A 4 4.85 -0.50 4.58
CA HYP A 4 3.64 -1.27 4.91
C HYP A 4 2.85 -0.65 6.04
O HYP A 4 3.40 -0.28 7.08
CB HYP A 4 4.20 -2.63 5.32
CG HYP A 4 5.52 -2.69 4.64
CD HYP A 4 6.07 -1.31 4.77
OD1 HYP A 4 5.37 -2.96 3.26
HA HYP A 4 3.01 -1.37 4.05
HB2 HYP A 4 3.53 -3.40 4.97
HB3 HYP A 4 4.30 -2.66 6.39
HG HYP A 4 6.14 -3.46 5.06
HD22 HYP A 4 6.79 -1.13 3.99
HD23 HYP A 4 6.50 -1.17 5.74
HD1 HYP A 4 4.46 -3.24 3.13
N GLY A 5 1.57 -0.51 5.83
CA GLY A 5 0.71 0.08 6.80
C GLY A 5 0.34 1.51 6.50
N SER A 6 1.15 2.16 5.68
CA SER A 6 0.84 3.51 5.27
C SER A 6 -0.35 3.52 4.40
N LYS A 7 -0.84 4.67 4.20
CA LYS A 7 -1.98 4.86 3.37
C LYS A 7 -1.48 4.92 1.95
N CYS A 8 -2.27 4.43 1.05
CA CYS A 8 -1.90 4.41 -0.34
C CYS A 8 -3.03 4.75 -1.27
N SER A 9 -2.69 4.81 -2.53
CA SER A 9 -3.59 4.98 -3.56
C SER A 9 -3.76 3.66 -4.32
N HYP A 10 -4.99 3.32 -4.72
CA HYP A 10 -5.25 2.02 -5.37
C HYP A 10 -5.02 2.10 -6.89
O HYP A 10 -5.27 1.14 -7.63
CB HYP A 10 -6.75 1.81 -5.06
CG HYP A 10 -7.15 3.04 -4.30
CD HYP A 10 -6.23 4.09 -4.73
OD1 HYP A 10 -6.93 2.87 -2.93
HA HYP A 10 -4.66 1.22 -4.94
HB2 HYP A 10 -6.87 0.92 -4.46
HB3 HYP A 10 -7.29 1.70 -5.98
HG HYP A 10 -8.20 3.29 -4.43
HD22 HYP A 10 -6.20 4.90 -4.02
HD23 HYP A 10 -6.48 4.43 -5.72
HD1 HYP A 10 -6.07 3.30 -2.82
N SER A 11 -4.57 3.25 -7.32
CA SER A 11 -4.33 3.53 -8.68
C SER A 11 -2.83 3.44 -9.01
N MET A 12 -2.04 4.23 -8.32
CA MET A 12 -0.61 4.35 -8.59
C MET A 12 0.17 3.25 -7.91
N ARG A 13 -0.40 2.74 -6.82
CA ARG A 13 0.23 1.79 -5.95
C ARG A 13 1.58 2.34 -5.49
N ASP A 14 1.50 3.27 -4.60
CA ASP A 14 2.65 4.01 -4.13
C ASP A 14 3.35 3.33 -2.96
N CYS A 15 2.96 2.11 -2.70
CA CYS A 15 3.58 1.34 -1.64
C CYS A 15 4.77 0.59 -2.17
N CYS A 16 5.65 0.23 -1.26
CA CYS A 16 6.82 -0.55 -1.61
C CYS A 16 6.41 -1.95 -2.08
N THR A 17 5.35 -2.45 -1.51
CA THR A 17 4.80 -3.72 -1.88
C THR A 17 3.63 -3.53 -2.85
N THR A 18 2.48 -3.26 -2.30
CA THR A 18 1.30 -3.00 -3.03
C THR A 18 0.30 -2.37 -2.07
N CYS A 19 -0.81 -1.95 -2.59
CA CYS A 19 -1.79 -1.24 -1.83
C CYS A 19 -3.01 -2.11 -1.68
N ILE A 20 -3.48 -2.24 -0.47
CA ILE A 20 -4.69 -2.95 -0.21
C ILE A 20 -5.82 -1.98 -0.47
N SER A 21 -6.38 -2.06 -1.65
CA SER A 21 -7.39 -1.14 -2.16
C SER A 21 -8.60 -0.94 -1.20
N TYR A 22 -8.91 -1.93 -0.41
CA TYR A 22 -10.02 -1.84 0.54
C TYR A 22 -9.64 -0.97 1.72
N THR A 23 -8.55 -1.33 2.34
CA THR A 23 -8.10 -0.72 3.58
C THR A 23 -7.34 0.60 3.32
N LYS A 24 -6.93 0.79 2.07
CA LYS A 24 -6.14 1.93 1.58
C LYS A 24 -4.79 1.95 2.25
N ARG A 25 -4.30 0.80 2.61
CA ARG A 25 -3.04 0.72 3.30
C ARG A 25 -2.08 -0.19 2.55
N CYS A 26 -0.83 -0.04 2.83
CA CYS A 26 0.20 -0.77 2.15
C CYS A 26 0.37 -2.14 2.74
N ARG A 27 0.45 -3.12 1.87
CA ARG A 27 0.61 -4.51 2.23
C ARG A 27 1.96 -4.71 2.91
N LYS A 28 2.08 -5.74 3.67
CA LYS A 28 3.34 -6.10 4.27
C LYS A 28 4.12 -6.94 3.29
N TYR A 29 5.27 -7.32 3.70
CA TYR A 29 6.10 -8.19 2.91
C TYR A 29 5.63 -9.60 3.11
N TYR A 30 5.67 -10.03 4.32
CA TYR A 30 5.24 -11.32 4.71
C TYR A 30 3.86 -11.21 5.29
N CYS A 1 8.60 5.40 -1.84
CA CYS A 1 7.36 4.65 -1.78
C CYS A 1 6.89 4.48 -0.35
N LYS A 2 5.62 4.21 -0.20
CA LYS A 2 5.00 4.06 1.11
C LYS A 2 5.43 2.75 1.77
N PRO A 3 5.76 2.80 3.07
CA PRO A 3 6.12 1.62 3.85
C PRO A 3 4.89 0.71 4.10
N HYP A 4 5.09 -0.58 4.44
CA HYP A 4 3.99 -1.51 4.65
C HYP A 4 3.09 -1.07 5.81
O HYP A 4 3.56 -0.82 6.94
CB HYP A 4 4.68 -2.84 4.97
CG HYP A 4 6.15 -2.51 5.04
CD HYP A 4 6.25 -1.04 5.20
OD1 HYP A 4 6.81 -2.86 3.84
HA HYP A 4 3.36 -1.61 3.77
HB2 HYP A 4 4.48 -3.54 4.17
HB3 HYP A 4 4.32 -3.24 5.90
HG HYP A 4 6.62 -3.07 5.84
HD22 HYP A 4 7.16 -0.66 4.76
HD23 HYP A 4 6.18 -0.76 6.23
HD1 HYP A 4 7.66 -2.42 3.93
N GLY A 5 1.81 -0.94 5.53
CA GLY A 5 0.87 -0.48 6.51
C GLY A 5 0.52 0.98 6.35
N SER A 6 1.31 1.70 5.56
CA SER A 6 1.00 3.10 5.28
C SER A 6 -0.21 3.18 4.47
N LYS A 7 -0.67 4.34 4.38
CA LYS A 7 -1.83 4.61 3.58
C LYS A 7 -1.35 4.81 2.18
N CYS A 8 -2.09 4.36 1.26
CA CYS A 8 -1.71 4.46 -0.12
C CYS A 8 -2.76 5.09 -0.96
N SER A 9 -2.40 5.27 -2.19
CA SER A 9 -3.23 5.82 -3.15
C SER A 9 -3.86 4.62 -3.92
N HYP A 10 -5.16 4.39 -3.67
CA HYP A 10 -5.98 3.20 -4.05
C HYP A 10 -5.51 2.38 -5.28
O HYP A 10 -5.21 1.19 -5.16
CB HYP A 10 -7.36 3.84 -4.30
CG HYP A 10 -7.14 5.31 -4.03
CD HYP A 10 -5.73 5.53 -4.37
OD1 HYP A 10 -7.20 5.56 -2.64
HA HYP A 10 -6.07 2.53 -3.22
HB2 HYP A 10 -8.10 3.43 -3.62
HB3 HYP A 10 -7.66 3.66 -5.32
HG HYP A 10 -7.83 5.95 -4.52
HD22 HYP A 10 -5.36 6.47 -3.97
HD23 HYP A 10 -5.59 5.47 -5.45
HD1 HYP A 10 -6.25 5.54 -2.46
N SER A 11 -5.45 3.00 -6.44
CA SER A 11 -5.12 2.30 -7.66
C SER A 11 -3.79 2.76 -8.27
N MET A 12 -2.96 3.44 -7.50
CA MET A 12 -1.71 3.98 -8.06
C MET A 12 -0.50 3.13 -7.74
N ARG A 13 -0.61 2.29 -6.73
CA ARG A 13 0.50 1.53 -6.19
C ARG A 13 1.70 2.46 -5.87
N ASP A 14 1.59 3.14 -4.77
CA ASP A 14 2.62 4.06 -4.30
C ASP A 14 3.38 3.46 -3.14
N CYS A 15 3.09 2.23 -2.84
CA CYS A 15 3.74 1.52 -1.78
C CYS A 15 4.93 0.77 -2.31
N CYS A 16 5.85 0.46 -1.43
CA CYS A 16 7.04 -0.30 -1.78
C CYS A 16 6.67 -1.75 -2.09
N THR A 17 5.59 -2.19 -1.53
CA THR A 17 5.04 -3.48 -1.81
C THR A 17 3.94 -3.31 -2.89
N THR A 18 2.76 -3.00 -2.43
CA THR A 18 1.64 -2.72 -3.23
C THR A 18 0.57 -2.12 -2.32
N CYS A 19 -0.45 -1.62 -2.91
CA CYS A 19 -1.49 -0.92 -2.19
C CYS A 19 -2.74 -1.80 -2.15
N ILE A 20 -3.21 -2.04 -0.96
CA ILE A 20 -4.42 -2.75 -0.73
C ILE A 20 -5.56 -1.80 -1.05
N SER A 21 -6.16 -1.95 -2.21
CA SER A 21 -7.18 -1.05 -2.72
C SER A 21 -8.44 -1.01 -1.83
N TYR A 22 -8.61 -2.04 -1.03
CA TYR A 22 -9.76 -2.21 -0.14
C TYR A 22 -9.73 -1.16 0.98
N THR A 23 -8.65 -1.13 1.72
CA THR A 23 -8.56 -0.24 2.87
C THR A 23 -7.51 0.89 2.66
N LYS A 24 -6.96 0.94 1.46
CA LYS A 24 -5.96 1.92 1.05
C LYS A 24 -4.73 1.89 1.95
N ARG A 25 -4.21 0.71 2.19
CA ARG A 25 -3.00 0.56 2.98
C ARG A 25 -2.01 -0.27 2.21
N CYS A 26 -0.78 -0.20 2.60
CA CYS A 26 0.25 -0.92 1.91
C CYS A 26 0.36 -2.31 2.45
N ARG A 27 0.55 -3.24 1.56
CA ARG A 27 0.66 -4.64 1.89
C ARG A 27 1.95 -4.88 2.66
N LYS A 28 1.98 -5.89 3.45
CA LYS A 28 3.18 -6.28 4.14
C LYS A 28 3.88 -7.37 3.36
N TYR A 29 4.97 -7.82 3.90
CA TYR A 29 5.69 -8.94 3.38
C TYR A 29 5.23 -10.16 4.15
N TYR A 30 5.39 -10.06 5.45
CA TYR A 30 4.95 -11.01 6.40
C TYR A 30 4.39 -10.23 7.58
N CYS A 1 8.89 5.02 -1.92
CA CYS A 1 7.55 4.44 -1.93
C CYS A 1 6.95 4.48 -0.55
N LYS A 2 5.67 4.17 -0.42
CA LYS A 2 5.03 4.20 0.86
C LYS A 2 5.33 2.90 1.61
N PRO A 3 5.81 3.02 2.86
CA PRO A 3 6.17 1.87 3.69
C PRO A 3 4.95 1.02 4.07
N HYP A 4 5.14 -0.28 4.46
CA HYP A 4 4.03 -1.16 4.84
C HYP A 4 3.18 -0.55 5.94
O HYP A 4 3.70 -0.07 6.95
CB HYP A 4 4.72 -2.44 5.35
CG HYP A 4 6.18 -2.25 5.06
CD HYP A 4 6.42 -0.78 4.99
OD1 HYP A 4 6.53 -2.80 3.80
HA HYP A 4 3.40 -1.38 3.99
HB2 HYP A 4 4.33 -3.30 4.80
HB3 HYP A 4 4.54 -2.56 6.40
HG HYP A 4 6.78 -2.76 5.80
HD22 HYP A 4 7.23 -0.57 4.31
HD23 HYP A 4 6.61 -0.38 5.98
HD1 HYP A 4 7.49 -2.73 3.76
N GLY A 5 1.88 -0.51 5.73
CA GLY A 5 0.99 0.07 6.69
C GLY A 5 0.62 1.51 6.38
N SER A 6 1.36 2.13 5.47
CA SER A 6 1.05 3.46 5.06
C SER A 6 -0.22 3.47 4.30
N LYS A 7 -0.69 4.61 4.11
CA LYS A 7 -1.88 4.80 3.35
C LYS A 7 -1.45 4.87 1.91
N CYS A 8 -2.25 4.36 1.06
CA CYS A 8 -1.89 4.39 -0.34
C CYS A 8 -2.91 5.05 -1.19
N SER A 9 -2.50 5.35 -2.38
CA SER A 9 -3.33 5.91 -3.33
C SER A 9 -3.84 4.78 -4.20
N HYP A 10 -5.15 4.73 -4.42
CA HYP A 10 -5.84 3.59 -5.06
C HYP A 10 -5.24 3.17 -6.41
O HYP A 10 -4.78 2.03 -6.55
CB HYP A 10 -7.27 4.14 -5.23
CG HYP A 10 -7.25 5.42 -4.44
CD HYP A 10 -5.91 5.94 -4.68
OD1 HYP A 10 -7.30 5.12 -3.07
HA HYP A 10 -5.87 2.73 -4.41
HB2 HYP A 10 -7.99 3.45 -4.82
HB3 HYP A 10 -7.48 4.32 -6.28
HG HYP A 10 -8.06 6.08 -4.69
HD22 HYP A 10 -5.67 6.73 -3.98
HD23 HYP A 10 -5.83 6.27 -5.70
HD1 HYP A 10 -6.37 5.31 -2.83
N SER A 11 -5.19 4.06 -7.36
CA SER A 11 -4.75 3.68 -8.69
C SER A 11 -3.23 3.73 -8.83
N MET A 12 -2.55 4.33 -7.85
CA MET A 12 -1.10 4.47 -7.94
C MET A 12 -0.40 3.22 -7.49
N ARG A 13 -0.92 2.66 -6.40
CA ARG A 13 -0.33 1.48 -5.75
C ARG A 13 1.12 1.81 -5.36
N ASP A 14 1.24 3.02 -4.82
CA ASP A 14 2.50 3.72 -4.50
C ASP A 14 3.25 3.19 -3.28
N CYS A 15 2.95 2.00 -2.87
CA CYS A 15 3.62 1.39 -1.74
C CYS A 15 4.85 0.65 -2.19
N CYS A 16 5.71 0.33 -1.27
CA CYS A 16 6.90 -0.45 -1.55
C CYS A 16 6.54 -1.89 -1.86
N THR A 17 5.50 -2.37 -1.25
CA THR A 17 5.00 -3.68 -1.52
C THR A 17 3.91 -3.57 -2.58
N THR A 18 2.75 -3.17 -2.14
CA THR A 18 1.63 -2.92 -2.95
C THR A 18 0.57 -2.29 -2.06
N CYS A 19 -0.47 -1.83 -2.66
CA CYS A 19 -1.55 -1.16 -1.97
C CYS A 19 -2.70 -2.13 -1.93
N ILE A 20 -3.20 -2.38 -0.76
CA ILE A 20 -4.35 -3.20 -0.60
C ILE A 20 -5.56 -2.30 -0.83
N SER A 21 -6.13 -2.37 -2.01
CA SER A 21 -7.24 -1.53 -2.45
C SER A 21 -8.43 -1.56 -1.46
N TYR A 22 -8.55 -2.66 -0.75
CA TYR A 22 -9.57 -2.87 0.25
C TYR A 22 -9.39 -1.88 1.41
N THR A 23 -8.22 -1.88 1.98
CA THR A 23 -7.92 -1.10 3.17
C THR A 23 -7.32 0.30 2.83
N LYS A 24 -6.68 0.41 1.67
CA LYS A 24 -5.90 1.58 1.22
C LYS A 24 -4.70 1.75 2.08
N ARG A 25 -4.13 0.64 2.45
CA ARG A 25 -2.91 0.63 3.19
C ARG A 25 -1.93 -0.26 2.47
N CYS A 26 -0.70 -0.09 2.78
CA CYS A 26 0.35 -0.81 2.16
C CYS A 26 0.48 -2.17 2.77
N ARG A 27 0.62 -3.15 1.92
CA ARG A 27 0.72 -4.54 2.29
C ARG A 27 1.98 -4.79 3.12
N LYS A 28 1.92 -5.77 3.98
CA LYS A 28 3.06 -6.16 4.76
C LYS A 28 3.88 -7.11 3.91
N TYR A 29 5.00 -7.51 4.43
CA TYR A 29 5.85 -8.44 3.74
C TYR A 29 5.21 -9.81 3.68
N TYR A 30 4.88 -10.32 4.83
CA TYR A 30 4.17 -11.54 4.94
C TYR A 30 2.85 -11.28 5.64
N CYS A 1 8.67 4.77 -2.38
CA CYS A 1 7.41 4.07 -2.18
C CYS A 1 6.94 4.22 -0.75
N LYS A 2 5.67 3.94 -0.53
CA LYS A 2 5.07 4.00 0.78
C LYS A 2 5.37 2.73 1.55
N PRO A 3 5.77 2.88 2.82
CA PRO A 3 6.04 1.74 3.71
C PRO A 3 4.75 0.93 4.02
N HYP A 4 4.90 -0.28 4.59
CA HYP A 4 3.75 -1.10 4.98
C HYP A 4 2.84 -0.39 5.93
O HYP A 4 3.30 0.33 6.82
CB HYP A 4 4.39 -2.29 5.69
CG HYP A 4 5.74 -2.37 5.11
CD HYP A 4 6.17 -0.97 4.92
OD1 HYP A 4 5.72 -2.99 3.83
HA HYP A 4 3.19 -1.44 4.11
HB2 HYP A 4 3.78 -3.16 5.49
HB3 HYP A 4 4.40 -2.09 6.74
HG HYP A 4 6.39 -2.96 5.75
HD22 HYP A 4 6.87 -0.89 4.11
HD23 HYP A 4 6.61 -0.58 5.83
HD1 HYP A 4 4.80 -3.18 3.62
N GLY A 5 1.56 -0.54 5.73
CA GLY A 5 0.60 0.06 6.59
C GLY A 5 0.28 1.49 6.25
N SER A 6 1.07 2.09 5.38
CA SER A 6 0.78 3.42 4.93
C SER A 6 -0.44 3.41 4.12
N LYS A 7 -0.91 4.53 3.89
CA LYS A 7 -2.10 4.71 3.12
C LYS A 7 -1.64 4.64 1.67
N CYS A 8 -2.40 4.00 0.85
CA CYS A 8 -2.03 3.92 -0.55
C CYS A 8 -2.96 4.65 -1.45
N SER A 9 -2.46 4.94 -2.61
CA SER A 9 -3.19 5.61 -3.59
C SER A 9 -3.75 4.60 -4.57
N HYP A 10 -4.88 4.90 -5.20
CA HYP A 10 -5.49 3.94 -6.13
C HYP A 10 -4.93 4.11 -7.53
O HYP A 10 -4.95 3.21 -8.35
CB HYP A 10 -6.98 4.31 -6.07
CG HYP A 10 -7.07 5.36 -5.00
CD HYP A 10 -5.79 6.06 -5.05
OD1 HYP A 10 -7.12 4.75 -3.74
HA HYP A 10 -5.34 2.91 -5.80
HB2 HYP A 10 -7.57 3.44 -5.81
HB3 HYP A 10 -7.30 4.69 -7.03
HG HYP A 10 -7.94 5.99 -5.11
HD22 HYP A 10 -5.60 6.60 -4.14
HD23 HYP A 10 -5.75 6.72 -5.91
HD1 HYP A 10 -6.28 5.04 -3.36
N SER A 11 -4.41 5.30 -7.77
CA SER A 11 -3.89 5.65 -9.05
C SER A 11 -2.42 5.24 -9.19
N MET A 12 -1.63 5.51 -8.15
CA MET A 12 -0.20 5.22 -8.23
C MET A 12 0.15 3.86 -7.69
N ARG A 13 -0.57 3.46 -6.64
CA ARG A 13 -0.31 2.20 -5.91
C ARG A 13 1.18 2.22 -5.50
N ASP A 14 1.56 3.35 -4.96
CA ASP A 14 2.94 3.71 -4.69
C ASP A 14 3.55 3.06 -3.44
N CYS A 15 3.09 1.90 -3.11
CA CYS A 15 3.61 1.17 -1.95
C CYS A 15 4.85 0.39 -2.35
N CYS A 16 5.67 0.07 -1.39
CA CYS A 16 6.86 -0.72 -1.63
C CYS A 16 6.49 -2.17 -1.98
N THR A 17 5.39 -2.61 -1.43
CA THR A 17 4.89 -3.93 -1.69
C THR A 17 3.71 -3.85 -2.67
N THR A 18 2.56 -3.56 -2.12
CA THR A 18 1.37 -3.42 -2.86
C THR A 18 0.35 -2.71 -1.97
N CYS A 19 -0.78 -2.41 -2.53
CA CYS A 19 -1.84 -1.69 -1.88
C CYS A 19 -3.01 -2.61 -1.64
N ILE A 20 -3.32 -2.83 -0.39
CA ILE A 20 -4.45 -3.63 0.02
C ILE A 20 -5.67 -2.78 -0.24
N SER A 21 -6.45 -3.16 -1.22
CA SER A 21 -7.54 -2.33 -1.68
C SER A 21 -8.72 -2.26 -0.70
N TYR A 22 -8.72 -3.09 0.32
CA TYR A 22 -9.78 -3.04 1.32
C TYR A 22 -9.50 -1.92 2.31
N THR A 23 -8.35 -1.99 2.92
CA THR A 23 -7.97 -1.04 3.97
C THR A 23 -7.36 0.23 3.38
N LYS A 24 -6.96 0.13 2.12
CA LYS A 24 -6.26 1.18 1.37
C LYS A 24 -4.94 1.45 2.02
N ARG A 25 -4.33 0.40 2.51
CA ARG A 25 -3.06 0.50 3.14
C ARG A 25 -2.06 -0.35 2.39
N CYS A 26 -0.81 -0.12 2.62
CA CYS A 26 0.21 -0.85 1.96
C CYS A 26 0.45 -2.14 2.69
N ARG A 27 0.74 -3.18 1.97
CA ARG A 27 0.95 -4.48 2.53
C ARG A 27 2.29 -4.54 3.29
N LYS A 28 2.38 -5.43 4.21
CA LYS A 28 3.61 -5.70 4.91
C LYS A 28 4.39 -6.70 4.11
N TYR A 29 5.46 -7.16 4.69
CA TYR A 29 6.24 -8.22 4.09
C TYR A 29 5.40 -9.47 4.05
N TYR A 30 4.71 -9.69 5.14
CA TYR A 30 3.69 -10.74 5.26
C TYR A 30 2.64 -10.61 4.15
N CYS A 1 9.31 4.68 -1.64
CA CYS A 1 7.95 4.18 -1.71
C CYS A 1 7.27 4.28 -0.37
N LYS A 2 5.96 4.10 -0.33
CA LYS A 2 5.24 4.10 0.93
C LYS A 2 5.45 2.78 1.63
N PRO A 3 5.78 2.82 2.93
CA PRO A 3 6.02 1.63 3.72
C PRO A 3 4.73 0.84 3.97
N HYP A 4 4.84 -0.46 4.24
CA HYP A 4 3.68 -1.30 4.54
C HYP A 4 2.87 -0.76 5.70
O HYP A 4 3.42 -0.43 6.76
CB HYP A 4 4.31 -2.63 4.90
CG HYP A 4 5.57 -2.63 4.12
CD HYP A 4 6.09 -1.25 4.24
OD1 HYP A 4 5.32 -2.87 2.75
HA HYP A 4 3.04 -1.41 3.68
HB2 HYP A 4 3.66 -3.42 4.58
HB3 HYP A 4 4.48 -2.69 5.96
HG HYP A 4 6.25 -3.39 4.47
HD22 HYP A 4 6.70 -1.01 3.38
HD23 HYP A 4 6.64 -1.13 5.16
HD1 HYP A 4 4.47 -3.33 2.72
N GLY A 5 1.59 -0.62 5.50
CA GLY A 5 0.73 -0.10 6.51
C GLY A 5 0.38 1.35 6.30
N SER A 6 1.14 2.04 5.47
CA SER A 6 0.83 3.42 5.17
C SER A 6 -0.43 3.49 4.44
N LYS A 7 -0.93 4.64 4.40
CA LYS A 7 -2.15 4.88 3.71
C LYS A 7 -1.78 5.25 2.30
N CYS A 8 -2.51 4.78 1.36
CA CYS A 8 -2.18 5.02 -0.03
C CYS A 8 -3.38 5.22 -0.88
N SER A 9 -3.11 5.62 -2.08
CA SER A 9 -4.08 5.74 -3.07
C SER A 9 -4.04 4.44 -3.89
N HYP A 10 -5.18 3.77 -3.99
CA HYP A 10 -5.26 2.38 -4.50
C HYP A 10 -5.07 2.22 -6.01
O HYP A 10 -5.19 1.12 -6.54
CB HYP A 10 -6.69 1.99 -4.06
CG HYP A 10 -7.17 3.20 -3.31
CD HYP A 10 -6.53 4.32 -3.99
OD1 HYP A 10 -6.63 3.22 -1.99
HA HYP A 10 -4.56 1.74 -3.99
HB2 HYP A 10 -6.65 1.12 -3.42
HB3 HYP A 10 -7.29 1.79 -4.94
HG HYP A 10 -8.25 3.27 -3.24
HD22 HYP A 10 -6.59 5.23 -3.42
HD23 HYP A 10 -6.93 4.43 -4.99
HD1 HYP A 10 -5.73 3.53 -2.17
N SER A 11 -4.76 3.29 -6.69
CA SER A 11 -4.49 3.25 -8.10
C SER A 11 -3.11 3.85 -8.40
N MET A 12 -2.34 4.15 -7.36
CA MET A 12 -1.03 4.76 -7.56
C MET A 12 0.10 3.77 -7.45
N ARG A 13 -0.18 2.66 -6.73
CA ARG A 13 0.72 1.51 -6.56
C ARG A 13 2.15 1.94 -6.13
N ASP A 14 2.24 3.01 -5.38
CA ASP A 14 3.54 3.57 -5.02
C ASP A 14 4.02 3.04 -3.67
N CYS A 15 3.36 2.02 -3.20
CA CYS A 15 3.80 1.34 -2.00
C CYS A 15 4.89 0.40 -2.37
N CYS A 16 5.77 0.14 -1.42
CA CYS A 16 6.90 -0.75 -1.60
C CYS A 16 6.46 -2.16 -2.03
N THR A 17 5.30 -2.54 -1.62
CA THR A 17 4.72 -3.79 -2.00
C THR A 17 3.62 -3.56 -3.03
N THR A 18 2.51 -3.09 -2.55
CA THR A 18 1.38 -2.71 -3.32
C THR A 18 0.38 -2.06 -2.37
N CYS A 19 -0.64 -1.47 -2.90
CA CYS A 19 -1.63 -0.79 -2.11
C CYS A 19 -2.88 -1.61 -2.08
N ILE A 20 -3.26 -2.03 -0.89
CA ILE A 20 -4.43 -2.83 -0.69
C ILE A 20 -5.65 -1.95 -0.90
N SER A 21 -6.39 -2.21 -1.94
CA SER A 21 -7.54 -1.41 -2.29
C SER A 21 -8.68 -1.55 -1.25
N TYR A 22 -8.63 -2.60 -0.47
CA TYR A 22 -9.61 -2.83 0.57
C TYR A 22 -9.34 -1.93 1.77
N THR A 23 -8.16 -2.03 2.29
CA THR A 23 -7.76 -1.36 3.51
C THR A 23 -7.23 0.06 3.24
N LYS A 24 -6.91 0.33 1.97
CA LYS A 24 -6.33 1.61 1.47
C LYS A 24 -4.95 1.81 2.08
N ARG A 25 -4.32 0.71 2.41
CA ARG A 25 -3.04 0.71 3.06
C ARG A 25 -2.05 -0.10 2.26
N CYS A 26 -0.80 0.08 2.53
CA CYS A 26 0.21 -0.62 1.79
C CYS A 26 0.36 -2.00 2.36
N ARG A 27 0.47 -2.98 1.50
CA ARG A 27 0.51 -4.36 1.91
C ARG A 27 1.75 -4.67 2.74
N LYS A 28 1.64 -5.64 3.59
CA LYS A 28 2.73 -6.10 4.43
C LYS A 28 3.74 -6.85 3.58
N TYR A 29 4.78 -7.30 4.21
CA TYR A 29 5.75 -8.15 3.59
C TYR A 29 5.33 -9.56 3.85
N TYR A 30 5.21 -9.86 5.11
CA TYR A 30 4.79 -11.12 5.58
C TYR A 30 3.70 -10.87 6.59
N CYS A 1 9.26 4.44 -1.86
CA CYS A 1 7.97 3.78 -1.84
C CYS A 1 7.32 3.97 -0.51
N LYS A 2 6.01 3.81 -0.46
CA LYS A 2 5.27 3.91 0.78
C LYS A 2 5.49 2.65 1.61
N PRO A 3 5.82 2.83 2.89
CA PRO A 3 6.06 1.71 3.79
C PRO A 3 4.77 0.92 4.09
N HYP A 4 4.89 -0.38 4.40
CA HYP A 4 3.74 -1.24 4.72
C HYP A 4 2.91 -0.65 5.87
O HYP A 4 3.44 -0.39 6.96
CB HYP A 4 4.37 -2.56 5.15
CG HYP A 4 5.77 -2.21 5.49
CD HYP A 4 6.16 -1.09 4.61
OD1 HYP A 4 6.62 -3.28 5.22
HA HYP A 4 3.10 -1.38 3.87
HB2 HYP A 4 4.34 -3.26 4.33
HB3 HYP A 4 3.84 -2.97 6.00
HG HYP A 4 5.85 -1.99 6.55
HD22 HYP A 4 6.55 -1.46 3.67
HD23 HYP A 4 6.88 -0.45 5.10
HD1 HYP A 4 6.57 -3.84 6.01
N GLY A 5 1.66 -0.42 5.59
CA GLY A 5 0.79 0.15 6.57
C GLY A 5 0.44 1.57 6.28
N SER A 6 1.16 2.20 5.36
CA SER A 6 0.83 3.55 4.96
C SER A 6 -0.47 3.58 4.28
N LYS A 7 -0.96 4.74 4.20
CA LYS A 7 -2.22 4.99 3.58
C LYS A 7 -1.93 5.27 2.12
N CYS A 8 -2.73 4.75 1.24
CA CYS A 8 -2.47 4.91 -0.17
C CYS A 8 -3.71 4.88 -0.99
N SER A 9 -3.54 5.22 -2.23
CA SER A 9 -4.54 5.17 -3.19
C SER A 9 -4.30 3.96 -4.07
N HYP A 10 -5.35 3.32 -4.56
CA HYP A 10 -5.22 2.09 -5.35
C HYP A 10 -4.85 2.38 -6.80
O HYP A 10 -4.71 1.46 -7.63
CB HYP A 10 -6.65 1.49 -5.26
CG HYP A 10 -7.44 2.50 -4.46
CD HYP A 10 -6.74 3.78 -4.67
OD1 HYP A 10 -7.34 2.21 -3.07
HA HYP A 10 -4.51 1.40 -4.91
HB2 HYP A 10 -6.59 0.54 -4.75
HB3 HYP A 10 -7.04 1.36 -6.26
HG HYP A 10 -8.48 2.50 -4.73
HD22 HYP A 10 -6.98 4.49 -3.90
HD23 HYP A 10 -6.96 4.18 -5.65
HD1 HYP A 10 -6.58 2.77 -2.83
N SER A 11 -4.69 3.64 -7.10
CA SER A 11 -4.33 4.11 -8.40
C SER A 11 -2.81 4.22 -8.51
N MET A 12 -2.21 4.87 -7.51
CA MET A 12 -0.77 5.08 -7.49
C MET A 12 -0.06 3.81 -7.17
N ARG A 13 -0.51 3.17 -6.10
CA ARG A 13 -0.01 1.86 -5.68
C ARG A 13 1.55 1.90 -5.48
N ASP A 14 2.04 3.05 -5.05
CA ASP A 14 3.48 3.34 -4.91
C ASP A 14 4.05 2.82 -3.58
N CYS A 15 3.43 1.81 -3.06
CA CYS A 15 3.90 1.18 -1.86
C CYS A 15 5.08 0.31 -2.20
N CYS A 16 5.86 -0.04 -1.20
CA CYS A 16 6.99 -0.92 -1.39
C CYS A 16 6.54 -2.30 -1.83
N THR A 17 5.36 -2.69 -1.41
CA THR A 17 4.76 -3.93 -1.81
C THR A 17 3.66 -3.66 -2.85
N THR A 18 2.51 -3.28 -2.36
CA THR A 18 1.37 -2.98 -3.15
C THR A 18 0.39 -2.27 -2.22
N CYS A 19 -0.61 -1.67 -2.77
CA CYS A 19 -1.59 -0.96 -2.01
C CYS A 19 -2.86 -1.76 -2.03
N ILE A 20 -3.34 -2.11 -0.87
CA ILE A 20 -4.54 -2.89 -0.75
C ILE A 20 -5.70 -1.91 -0.86
N SER A 21 -6.49 -2.02 -1.91
CA SER A 21 -7.60 -1.10 -2.15
C SER A 21 -8.67 -1.21 -1.06
N TYR A 22 -8.77 -2.37 -0.47
CA TYR A 22 -9.72 -2.64 0.60
C TYR A 22 -9.43 -1.76 1.81
N THR A 23 -8.22 -1.86 2.26
CA THR A 23 -7.77 -1.19 3.46
C THR A 23 -7.25 0.23 3.16
N LYS A 24 -6.91 0.46 1.89
CA LYS A 24 -6.26 1.68 1.40
C LYS A 24 -4.94 1.86 2.12
N ARG A 25 -4.28 0.75 2.37
CA ARG A 25 -3.02 0.74 3.07
C ARG A 25 -2.04 -0.12 2.32
N CYS A 26 -0.79 0.05 2.60
CA CYS A 26 0.23 -0.70 1.91
C CYS A 26 0.38 -2.05 2.56
N ARG A 27 0.45 -3.07 1.74
CA ARG A 27 0.53 -4.46 2.21
C ARG A 27 1.82 -4.70 2.96
N LYS A 28 1.80 -5.65 3.84
CA LYS A 28 3.03 -6.08 4.46
C LYS A 28 3.76 -7.04 3.59
N TYR A 29 4.98 -7.24 3.90
CA TYR A 29 5.83 -8.12 3.12
C TYR A 29 5.51 -9.54 3.46
N TYR A 30 5.55 -9.79 4.72
CA TYR A 30 5.30 -11.06 5.26
C TYR A 30 4.30 -10.86 6.36
N CYS A 1 8.58 5.05 -2.22
CA CYS A 1 7.37 4.31 -2.01
C CYS A 1 6.89 4.44 -0.61
N LYS A 2 5.63 4.21 -0.40
CA LYS A 2 5.04 4.31 0.91
C LYS A 2 5.34 3.04 1.69
N PRO A 3 5.77 3.19 2.94
CA PRO A 3 6.15 2.06 3.79
C PRO A 3 4.95 1.16 4.09
N HYP A 4 5.19 -0.14 4.37
CA HYP A 4 4.11 -1.08 4.67
C HYP A 4 3.27 -0.59 5.84
O HYP A 4 3.80 -0.22 6.90
CB HYP A 4 4.84 -2.38 5.04
CG HYP A 4 6.26 -2.13 4.61
CD HYP A 4 6.48 -0.68 4.80
OD1 HYP A 4 6.44 -2.41 3.23
HA HYP A 4 3.45 -1.23 3.82
HB2 HYP A 4 4.42 -3.21 4.50
HB3 HYP A 4 4.78 -2.56 6.10
HG HYP A 4 6.93 -2.76 5.17
HD22 HYP A 4 7.28 -0.35 4.17
HD23 HYP A 4 6.68 -0.46 5.84
HD1 HYP A 4 7.36 -2.67 3.16
N GLY A 5 1.98 -0.51 5.63
CA GLY A 5 1.08 0.01 6.61
C GLY A 5 0.67 1.44 6.36
N SER A 6 1.36 2.11 5.46
CA SER A 6 1.00 3.47 5.08
C SER A 6 -0.26 3.45 4.30
N LYS A 7 -0.77 4.59 4.13
CA LYS A 7 -1.94 4.74 3.34
C LYS A 7 -1.49 4.91 1.92
N CYS A 8 -2.23 4.39 1.00
CA CYS A 8 -1.82 4.44 -0.38
C CYS A 8 -2.84 5.03 -1.26
N SER A 9 -2.42 5.34 -2.44
CA SER A 9 -3.25 5.89 -3.42
C SER A 9 -3.83 4.72 -4.22
N HYP A 10 -5.15 4.73 -4.42
CA HYP A 10 -5.89 3.58 -4.98
C HYP A 10 -5.39 3.09 -6.35
O HYP A 10 -5.27 1.88 -6.56
CB HYP A 10 -7.33 4.13 -5.07
CG HYP A 10 -7.25 5.42 -4.31
CD HYP A 10 -5.94 5.95 -4.64
OD1 HYP A 10 -7.21 5.17 -2.93
HA HYP A 10 -5.89 2.75 -4.29
HB2 HYP A 10 -8.03 3.45 -4.61
HB3 HYP A 10 -7.59 4.29 -6.10
HG HYP A 10 -8.09 6.08 -4.52
HD22 HYP A 10 -5.66 6.74 -3.97
HD23 HYP A 10 -5.93 6.28 -5.67
HD1 HYP A 10 -6.26 5.25 -2.78
N SER A 11 -5.07 4.00 -7.23
CA SER A 11 -4.67 3.62 -8.55
C SER A 11 -3.14 3.59 -8.71
N MET A 12 -2.43 4.33 -7.86
CA MET A 12 -0.95 4.37 -7.98
C MET A 12 -0.31 3.12 -7.43
N ARG A 13 -0.89 2.61 -6.35
CA ARG A 13 -0.37 1.43 -5.64
C ARG A 13 1.10 1.71 -5.23
N ASP A 14 1.30 2.95 -4.81
CA ASP A 14 2.59 3.59 -4.52
C ASP A 14 3.29 3.12 -3.24
N CYS A 15 3.08 1.89 -2.89
CA CYS A 15 3.68 1.33 -1.71
C CYS A 15 4.90 0.55 -2.07
N CYS A 16 5.75 0.32 -1.10
CA CYS A 16 6.95 -0.47 -1.30
C CYS A 16 6.62 -1.94 -1.58
N THR A 17 5.53 -2.40 -1.02
CA THR A 17 5.04 -3.73 -1.28
C THR A 17 3.97 -3.66 -2.37
N THR A 18 2.79 -3.28 -1.97
CA THR A 18 1.68 -3.08 -2.81
C THR A 18 0.61 -2.40 -1.96
N CYS A 19 -0.43 -1.96 -2.58
CA CYS A 19 -1.49 -1.24 -1.94
C CYS A 19 -2.71 -2.12 -1.90
N ILE A 20 -3.18 -2.39 -0.72
CA ILE A 20 -4.36 -3.18 -0.55
C ILE A 20 -5.54 -2.24 -0.72
N SER A 21 -6.13 -2.25 -1.90
CA SER A 21 -7.23 -1.35 -2.27
C SER A 21 -8.42 -1.47 -1.29
N TYR A 22 -8.53 -2.63 -0.67
CA TYR A 22 -9.57 -2.92 0.33
C TYR A 22 -9.59 -1.87 1.43
N THR A 23 -8.44 -1.64 2.01
CA THR A 23 -8.32 -0.72 3.14
C THR A 23 -7.48 0.53 2.77
N LYS A 24 -6.94 0.54 1.55
CA LYS A 24 -6.07 1.61 1.02
C LYS A 24 -4.82 1.77 1.88
N ARG A 25 -4.24 0.65 2.28
CA ARG A 25 -3.02 0.64 3.06
C ARG A 25 -2.00 -0.23 2.39
N CYS A 26 -0.75 -0.06 2.75
CA CYS A 26 0.30 -0.78 2.13
C CYS A 26 0.43 -2.12 2.80
N ARG A 27 0.57 -3.14 1.99
CA ARG A 27 0.65 -4.51 2.43
C ARG A 27 1.91 -4.75 3.28
N LYS A 28 1.88 -5.78 4.08
CA LYS A 28 3.05 -6.22 4.79
C LYS A 28 3.86 -7.04 3.82
N TYR A 29 4.96 -7.50 4.23
CA TYR A 29 5.78 -8.32 3.37
C TYR A 29 5.19 -9.71 3.26
N TYR A 30 5.10 -10.38 4.36
CA TYR A 30 4.47 -11.66 4.43
C TYR A 30 3.29 -11.55 5.35
N CYS A 1 8.90 4.70 -2.09
CA CYS A 1 7.61 4.05 -1.99
C CYS A 1 7.01 4.25 -0.62
N LYS A 2 5.72 3.95 -0.51
CA LYS A 2 5.03 4.02 0.76
C LYS A 2 5.30 2.75 1.57
N PRO A 3 5.68 2.92 2.83
CA PRO A 3 6.03 1.82 3.74
C PRO A 3 4.79 0.93 4.07
N HYP A 4 5.02 -0.33 4.50
CA HYP A 4 3.93 -1.25 4.81
C HYP A 4 3.02 -0.71 5.92
O HYP A 4 3.49 -0.35 7.01
CB HYP A 4 4.63 -2.53 5.28
CG HYP A 4 6.10 -2.24 5.17
CD HYP A 4 6.25 -0.77 5.18
OD1 HYP A 4 6.62 -2.72 3.93
HA HYP A 4 3.32 -1.45 3.94
HB2 HYP A 4 4.35 -3.34 4.62
HB3 HYP A 4 4.35 -2.76 6.29
HG HYP A 4 6.64 -2.75 5.96
HD22 HYP A 4 7.13 -0.48 4.62
HD23 HYP A 4 6.29 -0.40 6.19
HD1 HYP A 4 7.57 -2.61 4.05
N GLY A 5 1.75 -0.65 5.63
CA GLY A 5 0.81 -0.13 6.58
C GLY A 5 0.44 1.30 6.33
N SER A 6 1.18 1.97 5.46
CA SER A 6 0.85 3.34 5.10
C SER A 6 -0.43 3.36 4.38
N LYS A 7 -0.91 4.49 4.26
CA LYS A 7 -2.12 4.70 3.57
C LYS A 7 -1.76 5.05 2.17
N CYS A 8 -2.49 4.54 1.25
CA CYS A 8 -2.16 4.74 -0.11
C CYS A 8 -3.32 5.07 -0.95
N SER A 9 -3.01 5.63 -2.06
CA SER A 9 -3.94 5.95 -3.04
C SER A 9 -4.10 4.71 -3.92
N HYP A 10 -5.33 4.35 -4.24
CA HYP A 10 -5.63 3.06 -4.87
C HYP A 10 -5.05 2.86 -6.27
O HYP A 10 -4.41 1.85 -6.54
CB HYP A 10 -7.18 3.07 -4.90
CG HYP A 10 -7.53 4.30 -4.12
CD HYP A 10 -6.47 5.25 -4.41
OD1 HYP A 10 -7.43 4.04 -2.75
HA HYP A 10 -5.31 2.24 -4.25
HB2 HYP A 10 -7.57 2.18 -4.44
HB3 HYP A 10 -7.51 3.15 -5.93
HG HYP A 10 -8.53 4.66 -4.32
HD22 HYP A 10 -6.45 6.06 -3.72
HD23 HYP A 10 -6.56 5.60 -5.43
HD1 HYP A 10 -6.62 4.53 -2.52
N SER A 11 -5.22 3.83 -7.16
CA SER A 11 -4.76 3.70 -8.52
C SER A 11 -3.27 3.98 -8.69
N MET A 12 -2.65 4.61 -7.70
CA MET A 12 -1.20 4.80 -7.76
C MET A 12 -0.50 3.59 -7.28
N ARG A 13 -0.98 3.08 -6.14
CA ARG A 13 -0.51 1.83 -5.55
C ARG A 13 1.04 1.80 -5.38
N ASP A 14 1.59 2.97 -5.06
CA ASP A 14 3.04 3.21 -4.97
C ASP A 14 3.66 2.76 -3.63
N CYS A 15 3.19 1.68 -3.13
CA CYS A 15 3.72 1.12 -1.90
C CYS A 15 4.93 0.28 -2.23
N CYS A 16 5.75 0.04 -1.23
CA CYS A 16 6.95 -0.76 -1.38
C CYS A 16 6.60 -2.20 -1.77
N THR A 17 5.45 -2.63 -1.34
CA THR A 17 4.93 -3.91 -1.71
C THR A 17 3.84 -3.70 -2.78
N THR A 18 2.68 -3.33 -2.32
CA THR A 18 1.55 -3.03 -3.10
C THR A 18 0.53 -2.37 -2.17
N CYS A 19 -0.50 -1.85 -2.73
CA CYS A 19 -1.50 -1.15 -1.98
C CYS A 19 -2.76 -1.96 -1.99
N ILE A 20 -3.18 -2.37 -0.82
CA ILE A 20 -4.39 -3.11 -0.66
C ILE A 20 -5.51 -2.09 -0.76
N SER A 21 -5.98 -1.86 -1.98
CA SER A 21 -6.92 -0.78 -2.31
C SER A 21 -8.25 -0.83 -1.54
N TYR A 22 -8.54 -1.98 -0.97
CA TYR A 22 -9.73 -2.17 -0.16
C TYR A 22 -9.61 -1.36 1.12
N THR A 23 -8.49 -1.53 1.77
CA THR A 23 -8.21 -0.86 3.05
C THR A 23 -7.38 0.42 2.80
N LYS A 24 -6.92 0.55 1.56
CA LYS A 24 -6.04 1.63 1.10
C LYS A 24 -4.80 1.73 1.96
N ARG A 25 -4.26 0.59 2.30
CA ARG A 25 -3.05 0.53 3.08
C ARG A 25 -2.06 -0.33 2.35
N CYS A 26 -0.82 -0.17 2.67
CA CYS A 26 0.21 -0.88 1.99
C CYS A 26 0.41 -2.22 2.64
N ARG A 27 0.62 -3.22 1.82
CA ARG A 27 0.78 -4.59 2.27
C ARG A 27 2.10 -4.75 3.00
N LYS A 28 2.21 -5.78 3.77
CA LYS A 28 3.44 -6.11 4.44
C LYS A 28 4.14 -7.17 3.61
N TYR A 29 5.30 -7.55 4.04
CA TYR A 29 6.03 -8.62 3.42
C TYR A 29 5.67 -9.91 4.07
N TYR A 30 5.78 -9.93 5.35
CA TYR A 30 5.43 -11.07 6.13
C TYR A 30 3.97 -10.98 6.49
N CYS A 1 8.67 5.16 -1.88
CA CYS A 1 7.45 4.36 -1.77
C CYS A 1 6.91 4.41 -0.38
N LYS A 2 5.65 4.11 -0.25
CA LYS A 2 5.00 4.11 1.05
C LYS A 2 5.32 2.80 1.79
N PRO A 3 5.73 2.91 3.06
CA PRO A 3 6.03 1.74 3.89
C PRO A 3 4.74 0.98 4.30
N HYP A 4 4.86 -0.33 4.63
CA HYP A 4 3.69 -1.17 5.00
C HYP A 4 2.89 -0.59 6.15
O HYP A 4 3.40 -0.39 7.25
CB HYP A 4 4.31 -2.51 5.41
CG HYP A 4 5.63 -2.50 4.73
CD HYP A 4 6.11 -1.09 4.80
OD1 HYP A 4 5.49 -2.82 3.36
HA HYP A 4 3.03 -1.32 4.16
HB2 HYP A 4 3.70 -3.32 5.06
HB3 HYP A 4 4.42 -2.54 6.48
HG HYP A 4 6.30 -3.23 5.18
HD22 HYP A 4 6.80 -0.88 4.01
HD23 HYP A 4 6.55 -0.89 5.78
HD1 HYP A 4 4.67 -3.30 3.28
N GLY A 5 1.63 -0.31 5.88
CA GLY A 5 0.78 0.27 6.86
C GLY A 5 0.42 1.69 6.54
N SER A 6 1.18 2.32 5.65
CA SER A 6 0.85 3.65 5.20
C SER A 6 -0.34 3.59 4.34
N LYS A 7 -0.85 4.69 4.07
CA LYS A 7 -1.99 4.79 3.21
C LYS A 7 -1.48 4.81 1.80
N CYS A 8 -2.25 4.31 0.90
CA CYS A 8 -1.86 4.30 -0.48
C CYS A 8 -2.83 4.99 -1.36
N SER A 9 -2.41 5.23 -2.56
CA SER A 9 -3.18 5.84 -3.53
C SER A 9 -3.81 4.73 -4.38
N HYP A 10 -5.13 4.77 -4.52
CA HYP A 10 -5.98 3.66 -5.05
C HYP A 10 -5.51 3.03 -6.38
O HYP A 10 -5.65 1.81 -6.56
CB HYP A 10 -7.35 4.37 -5.22
CG HYP A 10 -7.14 5.71 -4.58
CD HYP A 10 -5.75 6.04 -4.90
OD1 HYP A 10 -7.16 5.58 -3.17
HA HYP A 10 -6.09 2.88 -4.32
HB2 HYP A 10 -8.12 3.80 -4.71
HB3 HYP A 10 -7.59 4.45 -6.26
HG HYP A 10 -7.87 6.45 -4.87
HD22 HYP A 10 -5.38 6.86 -4.31
HD23 HYP A 10 -5.64 6.24 -5.96
HD1 HYP A 10 -6.21 5.49 -3.01
N SER A 11 -4.96 3.80 -7.28
CA SER A 11 -4.58 3.27 -8.57
C SER A 11 -3.08 3.46 -8.86
N MET A 12 -2.29 3.72 -7.83
CA MET A 12 -0.87 3.98 -8.09
C MET A 12 0.03 2.88 -7.60
N ARG A 13 -0.48 2.06 -6.67
CA ARG A 13 0.28 1.00 -5.99
C ARG A 13 1.61 1.60 -5.46
N ASP A 14 1.50 2.79 -4.90
CA ASP A 14 2.64 3.64 -4.50
C ASP A 14 3.35 3.17 -3.22
N CYS A 15 3.05 1.99 -2.81
CA CYS A 15 3.69 1.41 -1.67
C CYS A 15 4.91 0.66 -2.14
N CYS A 16 5.78 0.36 -1.21
CA CYS A 16 6.98 -0.41 -1.50
C CYS A 16 6.60 -1.81 -1.95
N THR A 17 5.56 -2.34 -1.36
CA THR A 17 5.06 -3.62 -1.71
C THR A 17 3.94 -3.43 -2.72
N THR A 18 2.79 -3.07 -2.21
CA THR A 18 1.63 -2.77 -2.96
C THR A 18 0.57 -2.24 -2.01
N CYS A 19 -0.53 -1.90 -2.55
CA CYS A 19 -1.62 -1.25 -1.85
C CYS A 19 -2.74 -2.25 -1.63
N ILE A 20 -3.19 -2.35 -0.41
CA ILE A 20 -4.33 -3.15 -0.06
C ILE A 20 -5.54 -2.30 -0.43
N SER A 21 -6.14 -2.59 -1.55
CA SER A 21 -7.23 -1.79 -2.10
C SER A 21 -8.46 -1.71 -1.17
N TYR A 22 -8.58 -2.67 -0.28
CA TYR A 22 -9.69 -2.72 0.65
C TYR A 22 -9.58 -1.58 1.66
N THR A 23 -8.47 -1.52 2.34
CA THR A 23 -8.27 -0.56 3.42
C THR A 23 -7.44 0.68 2.95
N LYS A 24 -6.89 0.58 1.75
CA LYS A 24 -5.98 1.58 1.17
C LYS A 24 -4.78 1.77 2.05
N ARG A 25 -4.17 0.68 2.41
CA ARG A 25 -2.95 0.70 3.18
C ARG A 25 -1.91 -0.14 2.48
N CYS A 26 -0.69 0.01 2.84
CA CYS A 26 0.36 -0.71 2.20
C CYS A 26 0.49 -2.10 2.77
N ARG A 27 0.65 -3.04 1.88
CA ARG A 27 0.72 -4.44 2.20
C ARG A 27 2.01 -4.75 2.94
N LYS A 28 2.00 -5.79 3.70
CA LYS A 28 3.12 -6.19 4.51
C LYS A 28 4.12 -6.96 3.68
N TYR A 29 5.15 -7.43 4.33
CA TYR A 29 6.16 -8.29 3.71
C TYR A 29 5.52 -9.57 3.24
N TYR A 30 4.80 -10.17 4.13
CA TYR A 30 3.98 -11.28 3.82
C TYR A 30 2.58 -10.74 3.68
N CYS A 1 8.72 5.47 -1.67
CA CYS A 1 7.43 4.78 -1.69
C CYS A 1 6.82 4.72 -0.30
N LYS A 2 5.57 4.33 -0.23
CA LYS A 2 4.88 4.17 1.04
C LYS A 2 5.25 2.82 1.66
N PRO A 3 5.69 2.82 2.91
CA PRO A 3 6.06 1.59 3.62
C PRO A 3 4.82 0.75 3.99
N HYP A 4 4.99 -0.57 4.26
CA HYP A 4 3.88 -1.47 4.63
C HYP A 4 3.07 -0.95 5.81
O HYP A 4 3.60 -0.73 6.91
CB HYP A 4 4.56 -2.80 4.99
CG HYP A 4 5.98 -2.42 5.23
CD HYP A 4 6.28 -1.27 4.33
OD1 HYP A 4 6.83 -3.49 4.88
HA HYP A 4 3.21 -1.62 3.79
HB2 HYP A 4 4.47 -3.48 4.16
HB3 HYP A 4 4.10 -3.21 5.87
HG HYP A 4 6.13 -2.21 6.29
HD22 HYP A 4 6.57 -1.62 3.35
HD23 HYP A 4 7.05 -0.64 4.75
HD1 HYP A 4 7.55 -3.07 4.38
N GLY A 5 1.80 -0.77 5.59
CA GLY A 5 0.92 -0.27 6.60
C GLY A 5 0.55 1.18 6.41
N SER A 6 1.28 1.87 5.55
CA SER A 6 0.95 3.24 5.23
C SER A 6 -0.30 3.27 4.46
N LYS A 7 -0.80 4.42 4.34
CA LYS A 7 -2.00 4.63 3.58
C LYS A 7 -1.56 4.78 2.14
N CYS A 8 -2.33 4.25 1.26
CA CYS A 8 -1.97 4.25 -0.13
C CYS A 8 -3.03 4.78 -1.06
N SER A 9 -2.64 4.88 -2.29
CA SER A 9 -3.43 5.28 -3.35
C SER A 9 -3.65 4.06 -4.27
N HYP A 10 -4.87 3.82 -4.69
CA HYP A 10 -5.25 2.57 -5.41
C HYP A 10 -4.57 2.34 -6.76
O HYP A 10 -3.82 1.37 -6.93
CB HYP A 10 -6.78 2.74 -5.57
CG HYP A 10 -7.09 3.93 -4.73
CD HYP A 10 -5.93 4.81 -4.90
OD1 HYP A 10 -7.06 3.56 -3.37
HA HYP A 10 -5.07 1.71 -4.79
HB2 HYP A 10 -7.29 1.86 -5.22
HB3 HYP A 10 -7.02 2.91 -6.61
HG HYP A 10 -8.05 4.38 -4.95
HD22 HYP A 10 -5.90 5.58 -4.16
HD23 HYP A 10 -5.91 5.21 -5.91
HD1 HYP A 10 -6.14 3.80 -3.18
N SER A 11 -4.79 3.22 -7.72
CA SER A 11 -4.30 2.99 -9.07
C SER A 11 -2.84 3.38 -9.26
N MET A 12 -2.37 4.36 -8.50
CA MET A 12 -0.98 4.81 -8.66
C MET A 12 0.01 3.83 -8.09
N ARG A 13 -0.44 3.04 -7.12
CA ARG A 13 0.38 2.10 -6.40
C ARG A 13 1.63 2.80 -5.86
N ASP A 14 1.45 3.45 -4.76
CA ASP A 14 2.49 4.26 -4.16
C ASP A 14 3.25 3.53 -3.09
N CYS A 15 2.88 2.32 -2.80
CA CYS A 15 3.56 1.54 -1.80
C CYS A 15 4.74 0.85 -2.38
N CYS A 16 5.67 0.52 -1.53
CA CYS A 16 6.86 -0.22 -1.92
C CYS A 16 6.47 -1.62 -2.38
N THR A 17 5.49 -2.20 -1.71
CA THR A 17 4.99 -3.50 -2.05
C THR A 17 3.85 -3.34 -3.05
N THR A 18 2.70 -2.98 -2.53
CA THR A 18 1.54 -2.68 -3.27
C THR A 18 0.49 -2.16 -2.29
N CYS A 19 -0.61 -1.69 -2.80
CA CYS A 19 -1.66 -1.10 -2.02
C CYS A 19 -2.80 -2.07 -1.88
N ILE A 20 -3.27 -2.24 -0.67
CA ILE A 20 -4.44 -3.00 -0.42
C ILE A 20 -5.56 -2.00 -0.40
N SER A 21 -6.15 -1.77 -1.55
CA SER A 21 -7.19 -0.77 -1.74
C SER A 21 -8.44 -1.02 -0.88
N TYR A 22 -8.52 -2.19 -0.27
CA TYR A 22 -9.57 -2.54 0.66
C TYR A 22 -9.53 -1.60 1.87
N THR A 23 -8.38 -1.54 2.50
CA THR A 23 -8.20 -0.75 3.71
C THR A 23 -7.43 0.54 3.39
N LYS A 24 -6.96 0.62 2.14
CA LYS A 24 -6.13 1.71 1.63
C LYS A 24 -4.80 1.73 2.36
N ARG A 25 -4.28 0.55 2.63
CA ARG A 25 -3.00 0.46 3.30
C ARG A 25 -2.05 -0.40 2.49
N CYS A 26 -0.79 -0.22 2.74
CA CYS A 26 0.24 -0.91 1.99
C CYS A 26 0.44 -2.31 2.51
N ARG A 27 0.61 -3.22 1.59
CA ARG A 27 0.77 -4.63 1.88
C ARG A 27 2.07 -4.88 2.63
N LYS A 28 2.05 -5.84 3.49
CA LYS A 28 3.21 -6.27 4.23
C LYS A 28 3.81 -7.46 3.51
N TYR A 29 4.87 -7.96 4.05
CA TYR A 29 5.51 -9.15 3.53
C TYR A 29 4.79 -10.33 4.14
N TYR A 30 4.87 -10.36 5.43
CA TYR A 30 4.21 -11.28 6.28
C TYR A 30 3.64 -10.47 7.41
N CYS A 1 8.75 5.11 -1.75
CA CYS A 1 7.43 4.48 -1.74
C CYS A 1 6.92 4.32 -0.32
N LYS A 2 5.63 4.11 -0.21
CA LYS A 2 4.97 3.99 1.07
C LYS A 2 5.34 2.66 1.71
N PRO A 3 5.82 2.69 2.97
CA PRO A 3 6.14 1.49 3.72
C PRO A 3 4.85 0.76 4.13
N HYP A 4 4.94 -0.54 4.47
CA HYP A 4 3.77 -1.34 4.87
C HYP A 4 2.95 -0.68 5.98
O HYP A 4 3.50 -0.22 6.98
CB HYP A 4 4.37 -2.65 5.37
CG HYP A 4 5.68 -2.72 4.66
CD HYP A 4 6.18 -1.32 4.65
OD1 HYP A 4 5.50 -3.11 3.30
HA HYP A 4 3.12 -1.53 4.03
HB2 HYP A 4 3.73 -3.46 5.09
HB3 HYP A 4 4.49 -2.62 6.44
HG HYP A 4 6.34 -3.43 5.13
HD22 HYP A 4 6.85 -1.16 3.82
HD23 HYP A 4 6.67 -1.08 5.58
HD1 HYP A 4 4.66 -3.57 3.26
N GLY A 5 1.65 -0.61 5.76
CA GLY A 5 0.76 0.01 6.72
C GLY A 5 0.40 1.43 6.38
N SER A 6 1.19 2.06 5.54
CA SER A 6 0.89 3.41 5.10
C SER A 6 -0.30 3.41 4.26
N LYS A 7 -0.78 4.56 4.05
CA LYS A 7 -1.93 4.74 3.22
C LYS A 7 -1.46 4.89 1.81
N CYS A 8 -2.24 4.42 0.90
CA CYS A 8 -1.90 4.50 -0.51
C CYS A 8 -3.04 5.02 -1.35
N SER A 9 -2.75 5.25 -2.61
CA SER A 9 -3.69 5.71 -3.55
C SER A 9 -4.40 4.53 -4.17
N HYP A 10 -5.35 4.76 -5.08
CA HYP A 10 -6.03 3.64 -5.73
C HYP A 10 -5.62 3.50 -7.17
O HYP A 10 -6.25 2.79 -7.96
CB HYP A 10 -7.52 4.04 -5.63
CG HYP A 10 -7.52 5.31 -4.83
CD HYP A 10 -6.22 5.93 -5.11
OD1 HYP A 10 -7.55 5.02 -3.45
HA HYP A 10 -5.87 2.71 -5.20
HB2 HYP A 10 -8.08 3.27 -5.12
HB3 HYP A 10 -7.93 4.20 -6.61
HG HYP A 10 -8.37 5.92 -5.07
HD22 HYP A 10 -5.95 6.64 -4.34
HD23 HYP A 10 -6.23 6.41 -6.08
HD1 HYP A 10 -6.92 5.63 -3.05
N SER A 11 -4.53 4.16 -7.53
CA SER A 11 -4.10 4.13 -8.90
C SER A 11 -2.57 4.09 -9.05
N MET A 12 -1.82 4.66 -8.11
CA MET A 12 -0.38 4.77 -8.33
C MET A 12 0.39 3.55 -7.91
N ARG A 13 -0.19 2.78 -7.00
CA ARG A 13 0.50 1.71 -6.31
C ARG A 13 1.79 2.30 -5.71
N ASP A 14 1.57 3.25 -4.84
CA ASP A 14 2.63 4.02 -4.24
C ASP A 14 3.31 3.32 -3.09
N CYS A 15 2.86 2.14 -2.77
CA CYS A 15 3.50 1.35 -1.75
C CYS A 15 4.66 0.62 -2.35
N CYS A 16 5.58 0.27 -1.52
CA CYS A 16 6.70 -0.52 -1.93
C CYS A 16 6.25 -1.92 -2.30
N THR A 17 5.30 -2.45 -1.55
CA THR A 17 4.77 -3.76 -1.80
C THR A 17 3.60 -3.68 -2.78
N THR A 18 2.46 -3.37 -2.25
CA THR A 18 1.27 -3.18 -3.00
C THR A 18 0.27 -2.51 -2.07
N CYS A 19 -0.82 -2.06 -2.62
CA CYS A 19 -1.80 -1.33 -1.89
C CYS A 19 -3.03 -2.17 -1.72
N ILE A 20 -3.32 -2.51 -0.50
CA ILE A 20 -4.48 -3.30 -0.18
C ILE A 20 -5.70 -2.41 -0.35
N SER A 21 -6.37 -2.56 -1.47
CA SER A 21 -7.50 -1.74 -1.89
C SER A 21 -8.59 -1.60 -0.80
N TYR A 22 -8.78 -2.66 -0.03
CA TYR A 22 -9.78 -2.71 1.03
C TYR A 22 -9.57 -1.60 2.05
N THR A 23 -8.39 -1.54 2.58
CA THR A 23 -8.08 -0.59 3.63
C THR A 23 -7.28 0.62 3.09
N LYS A 24 -6.86 0.54 1.83
CA LYS A 24 -5.99 1.53 1.17
C LYS A 24 -4.71 1.68 1.95
N ARG A 25 -4.17 0.57 2.37
CA ARG A 25 -2.96 0.58 3.11
C ARG A 25 -1.96 -0.34 2.45
N CYS A 26 -0.73 -0.16 2.74
CA CYS A 26 0.31 -0.90 2.12
C CYS A 26 0.47 -2.26 2.74
N ARG A 27 0.57 -3.25 1.90
CA ARG A 27 0.69 -4.63 2.31
C ARG A 27 1.99 -4.86 3.07
N LYS A 28 1.97 -5.84 3.94
CA LYS A 28 3.15 -6.24 4.67
C LYS A 28 4.04 -7.05 3.76
N TYR A 29 5.16 -7.42 4.27
CA TYR A 29 6.07 -8.26 3.54
C TYR A 29 5.59 -9.68 3.66
N TYR A 30 5.54 -10.14 4.89
CA TYR A 30 5.07 -11.44 5.25
C TYR A 30 3.95 -11.28 6.24
N CYS A 1 8.95 4.88 -1.58
CA CYS A 1 7.60 4.32 -1.55
C CYS A 1 7.06 4.41 -0.15
N LYS A 2 5.82 4.00 0.00
CA LYS A 2 5.20 3.96 1.29
C LYS A 2 5.49 2.62 1.96
N PRO A 3 5.74 2.62 3.27
CA PRO A 3 5.99 1.41 4.04
C PRO A 3 4.67 0.67 4.39
N HYP A 4 4.76 -0.59 4.87
CA HYP A 4 3.60 -1.40 5.25
C HYP A 4 2.69 -0.68 6.23
O HYP A 4 3.16 -0.08 7.21
CB HYP A 4 4.19 -2.64 5.92
CG HYP A 4 5.66 -2.42 5.95
CD HYP A 4 5.97 -1.42 4.88
OD1 HYP A 4 6.37 -3.61 5.65
HA HYP A 4 3.01 -1.69 4.39
HB2 HYP A 4 3.93 -3.51 5.35
HB3 HYP A 4 3.79 -2.73 6.92
HG HYP A 4 5.97 -2.12 6.94
HD22 HYP A 4 6.10 -1.91 3.93
HD23 HYP A 4 6.84 -0.84 5.14
HD1 HYP A 4 7.27 -3.29 5.59
N GLY A 5 1.42 -0.73 5.97
CA GLY A 5 0.43 -0.14 6.82
C GLY A 5 0.16 1.30 6.55
N SER A 6 0.98 1.93 5.73
CA SER A 6 0.71 3.29 5.35
C SER A 6 -0.47 3.34 4.47
N LYS A 7 -0.92 4.46 4.29
CA LYS A 7 -2.02 4.70 3.43
C LYS A 7 -1.45 4.92 2.06
N CYS A 8 -2.11 4.49 1.06
CA CYS A 8 -1.57 4.59 -0.28
C CYS A 8 -2.50 5.23 -1.24
N SER A 9 -1.99 5.45 -2.42
CA SER A 9 -2.74 5.97 -3.47
C SER A 9 -3.68 4.89 -4.00
N HYP A 10 -4.99 5.17 -3.97
CA HYP A 10 -6.04 4.20 -4.27
C HYP A 10 -5.87 3.52 -5.63
O HYP A 10 -6.05 4.16 -6.68
CB HYP A 10 -7.31 5.09 -4.24
CG HYP A 10 -6.80 6.45 -3.89
CD HYP A 10 -5.44 6.48 -4.42
OD1 HYP A 10 -6.66 6.58 -2.48
HA HYP A 10 -6.12 3.45 -3.50
HB2 HYP A 10 -8.00 4.72 -3.49
HB3 HYP A 10 -7.78 5.07 -5.21
HG HYP A 10 -7.45 7.23 -4.24
HD22 HYP A 10 -4.86 7.27 -4.01
HD23 HYP A 10 -5.47 6.54 -5.51
HD1 HYP A 10 -5.74 6.89 -2.41
N SER A 11 -5.42 2.26 -5.57
CA SER A 11 -5.21 1.41 -6.73
C SER A 11 -4.01 1.89 -7.62
N MET A 12 -3.27 2.90 -7.16
CA MET A 12 -2.16 3.44 -7.94
C MET A 12 -0.86 2.78 -7.54
N ARG A 13 -0.83 2.35 -6.30
CA ARG A 13 0.27 1.63 -5.69
C ARG A 13 1.58 2.43 -5.64
N ASP A 14 1.75 3.14 -4.57
CA ASP A 14 2.97 3.88 -4.30
C ASP A 14 3.68 3.25 -3.11
N CYS A 15 3.30 2.03 -2.83
CA CYS A 15 3.91 1.22 -1.79
C CYS A 15 4.92 0.35 -2.46
N CYS A 16 5.98 -0.01 -1.77
CA CYS A 16 6.96 -0.95 -2.33
C CYS A 16 6.37 -2.34 -2.53
N THR A 17 5.41 -2.69 -1.70
CA THR A 17 4.78 -3.98 -1.81
C THR A 17 3.61 -3.87 -2.80
N THR A 18 2.50 -3.43 -2.29
CA THR A 18 1.35 -3.18 -3.04
C THR A 18 0.37 -2.44 -2.14
N CYS A 19 -0.55 -1.80 -2.74
CA CYS A 19 -1.55 -1.03 -2.07
C CYS A 19 -2.80 -1.87 -2.05
N ILE A 20 -3.29 -2.15 -0.89
CA ILE A 20 -4.50 -2.92 -0.76
C ILE A 20 -5.67 -2.00 -1.02
N SER A 21 -6.13 -1.99 -2.25
CA SER A 21 -7.13 -1.08 -2.79
C SER A 21 -8.36 -0.87 -1.89
N TYR A 22 -8.82 -1.91 -1.22
CA TYR A 22 -10.00 -1.85 -0.36
C TYR A 22 -9.82 -0.83 0.76
N THR A 23 -8.77 -1.01 1.52
CA THR A 23 -8.51 -0.19 2.69
C THR A 23 -7.54 0.97 2.34
N LYS A 24 -6.92 0.86 1.18
CA LYS A 24 -5.91 1.78 0.68
C LYS A 24 -4.77 1.91 1.66
N ARG A 25 -4.23 0.76 2.01
CA ARG A 25 -3.09 0.67 2.89
C ARG A 25 -2.03 -0.18 2.23
N CYS A 26 -0.81 -0.05 2.66
CA CYS A 26 0.27 -0.77 2.04
C CYS A 26 0.45 -2.09 2.70
N ARG A 27 0.59 -3.09 1.88
CA ARG A 27 0.77 -4.45 2.34
C ARG A 27 2.15 -4.60 3.00
N LYS A 28 2.32 -5.59 3.80
CA LYS A 28 3.64 -5.90 4.30
C LYS A 28 4.37 -6.87 3.42
N TYR A 29 5.62 -7.05 3.75
CA TYR A 29 6.49 -7.96 3.02
C TYR A 29 6.15 -9.37 3.38
N TYR A 30 6.02 -9.61 4.63
CA TYR A 30 5.66 -10.89 5.13
C TYR A 30 4.22 -10.87 5.56
N CYS A 1 8.99 5.02 -1.92
CA CYS A 1 7.74 4.28 -1.81
C CYS A 1 7.14 4.46 -0.43
N LYS A 2 5.89 4.09 -0.28
CA LYS A 2 5.21 4.16 1.00
C LYS A 2 5.45 2.90 1.79
N PRO A 3 5.77 3.05 3.09
CA PRO A 3 6.07 1.92 3.98
C PRO A 3 4.85 1.01 4.22
N HYP A 4 5.06 -0.25 4.63
CA HYP A 4 3.96 -1.18 4.90
C HYP A 4 3.03 -0.63 5.98
O HYP A 4 3.46 -0.32 7.09
CB HYP A 4 4.65 -2.46 5.38
CG HYP A 4 6.12 -2.20 5.26
CD HYP A 4 6.30 -0.73 5.27
OD1 HYP A 4 6.62 -2.69 4.04
HA HYP A 4 3.37 -1.37 4.02
HB2 HYP A 4 4.36 -3.29 4.76
HB3 HYP A 4 4.38 -2.64 6.40
HG HYP A 4 6.65 -2.71 6.05
HD22 HYP A 4 7.17 -0.46 4.68
HD23 HYP A 4 6.39 -0.36 6.28
HD1 HYP A 4 7.52 -2.98 4.26
N GLY A 5 1.77 -0.51 5.65
CA GLY A 5 0.81 0.04 6.56
C GLY A 5 0.44 1.46 6.23
N SER A 6 1.23 2.11 5.40
CA SER A 6 0.91 3.44 4.95
C SER A 6 -0.29 3.42 4.10
N LYS A 7 -0.78 4.54 3.87
CA LYS A 7 -1.94 4.69 3.06
C LYS A 7 -1.45 4.76 1.63
N CYS A 8 -2.23 4.27 0.72
CA CYS A 8 -1.82 4.28 -0.67
C CYS A 8 -2.70 5.12 -1.54
N SER A 9 -2.14 5.50 -2.66
CA SER A 9 -2.77 6.28 -3.63
C SER A 9 -3.83 5.45 -4.38
N HYP A 10 -4.96 6.07 -4.79
CA HYP A 10 -6.06 5.36 -5.40
C HYP A 10 -5.67 4.66 -6.70
O HYP A 10 -5.49 5.32 -7.74
CB HYP A 10 -7.10 6.48 -5.64
CG HYP A 10 -6.39 7.74 -5.25
CD HYP A 10 -4.95 7.43 -5.34
OD1 HYP A 10 -6.66 8.08 -3.90
HA HYP A 10 -6.49 4.62 -4.72
HB2 HYP A 10 -7.98 6.31 -5.03
HB3 HYP A 10 -7.38 6.48 -6.69
HG HYP A 10 -6.70 8.57 -5.87
HD22 HYP A 10 -4.35 8.09 -4.72
HD23 HYP A 10 -4.61 7.45 -6.36
HD1 HYP A 10 -5.81 8.40 -3.58
N SER A 11 -5.45 3.36 -6.61
CA SER A 11 -5.12 2.48 -7.74
C SER A 11 -3.74 2.80 -8.37
N MET A 12 -2.96 3.66 -7.75
CA MET A 12 -1.66 4.04 -8.31
C MET A 12 -0.57 3.16 -7.78
N ARG A 13 -0.79 2.65 -6.58
CA ARG A 13 0.11 1.75 -5.88
C ARG A 13 1.53 2.36 -5.70
N ASP A 14 1.65 3.17 -4.69
CA ASP A 14 2.88 3.91 -4.38
C ASP A 14 3.59 3.32 -3.18
N CYS A 15 3.25 2.12 -2.84
CA CYS A 15 3.83 1.45 -1.69
C CYS A 15 5.13 0.77 -2.04
N CYS A 16 5.81 0.28 -1.04
CA CYS A 16 7.00 -0.51 -1.26
C CYS A 16 6.62 -1.92 -1.65
N THR A 17 5.54 -2.40 -1.07
CA THR A 17 5.03 -3.71 -1.36
C THR A 17 3.94 -3.63 -2.43
N THR A 18 2.75 -3.33 -2.00
CA THR A 18 1.62 -3.15 -2.83
C THR A 18 0.53 -2.49 -2.00
N CYS A 19 -0.51 -2.08 -2.64
CA CYS A 19 -1.58 -1.34 -2.02
C CYS A 19 -2.80 -2.24 -1.89
N ILE A 20 -3.20 -2.48 -0.66
CA ILE A 20 -4.35 -3.27 -0.38
C ILE A 20 -5.56 -2.45 -0.74
N SER A 21 -6.21 -2.81 -1.81
CA SER A 21 -7.33 -2.08 -2.35
C SER A 21 -8.56 -2.05 -1.41
N TYR A 22 -8.52 -2.84 -0.35
CA TYR A 22 -9.62 -2.88 0.60
C TYR A 22 -9.45 -1.79 1.65
N THR A 23 -8.32 -1.81 2.32
CA THR A 23 -8.04 -0.89 3.43
C THR A 23 -7.32 0.39 2.98
N LYS A 24 -6.90 0.40 1.71
CA LYS A 24 -6.15 1.50 1.09
C LYS A 24 -4.83 1.68 1.82
N ARG A 25 -4.26 0.58 2.26
CA ARG A 25 -3.01 0.60 2.96
C ARG A 25 -1.98 -0.23 2.24
N CYS A 26 -0.75 -0.09 2.61
CA CYS A 26 0.30 -0.83 2.01
C CYS A 26 0.44 -2.15 2.72
N ARG A 27 0.60 -3.18 1.95
CA ARG A 27 0.69 -4.53 2.45
C ARG A 27 1.95 -4.71 3.30
N LYS A 28 1.92 -5.66 4.22
CA LYS A 28 3.11 -6.09 4.92
C LYS A 28 3.96 -6.92 4.00
N TYR A 29 5.00 -7.45 4.54
CA TYR A 29 5.94 -8.24 3.77
C TYR A 29 5.35 -9.58 3.40
N TYR A 30 4.97 -10.32 4.38
CA TYR A 30 4.33 -11.58 4.20
C TYR A 30 2.90 -11.50 4.62
N CYS A 1 9.46 5.01 -1.25
CA CYS A 1 8.12 4.44 -1.29
C CYS A 1 7.51 4.45 0.10
N LYS A 2 6.22 4.22 0.16
CA LYS A 2 5.56 4.16 1.43
C LYS A 2 5.58 2.75 2.00
N PRO A 3 6.03 2.64 3.25
CA PRO A 3 6.19 1.36 3.95
C PRO A 3 4.84 0.71 4.34
N HYP A 4 4.86 -0.56 4.82
CA HYP A 4 3.64 -1.28 5.21
C HYP A 4 2.82 -0.55 6.23
O HYP A 4 3.35 -0.01 7.21
CB HYP A 4 4.15 -2.58 5.80
CG HYP A 4 5.51 -2.75 5.22
CD HYP A 4 6.07 -1.38 5.12
OD1 HYP A 4 5.43 -3.26 3.90
HA HYP A 4 3.02 -1.50 4.35
HB2 HYP A 4 3.50 -3.39 5.52
HB3 HYP A 4 4.20 -2.49 6.87
HG HYP A 4 6.11 -3.44 5.80
HD22 HYP A 4 6.79 -1.32 4.32
HD23 HYP A 4 6.51 -1.09 6.06
HD1 HYP A 4 4.49 -3.35 3.69
N GLY A 5 1.54 -0.49 6.01
CA GLY A 5 0.64 0.15 6.91
C GLY A 5 0.33 1.56 6.56
N SER A 6 1.16 2.17 5.75
CA SER A 6 0.91 3.50 5.30
C SER A 6 -0.26 3.54 4.40
N LYS A 7 -0.68 4.69 4.17
CA LYS A 7 -1.80 4.93 3.30
C LYS A 7 -1.28 4.88 1.88
N CYS A 8 -2.11 4.51 0.95
CA CYS A 8 -1.68 4.49 -0.41
C CYS A 8 -2.65 5.11 -1.35
N SER A 9 -2.15 5.38 -2.52
CA SER A 9 -2.91 5.90 -3.55
C SER A 9 -3.67 4.72 -4.19
N HYP A 10 -5.00 4.75 -4.08
CA HYP A 10 -5.95 3.64 -4.33
C HYP A 10 -5.63 2.71 -5.49
O HYP A 10 -5.15 1.59 -5.28
CB HYP A 10 -7.28 4.41 -4.55
CG HYP A 10 -6.89 5.84 -4.30
CD HYP A 10 -5.52 5.92 -4.78
OD1 HYP A 10 -6.79 6.07 -2.92
HA HYP A 10 -6.06 3.04 -3.44
HB2 HYP A 10 -8.01 4.08 -3.83
HB3 HYP A 10 -7.64 4.25 -5.56
HG HYP A 10 -7.58 6.56 -4.72
HD22 HYP A 10 -5.04 6.83 -4.44
HD23 HYP A 10 -5.46 5.81 -5.85
HD1 HYP A 10 -5.85 5.86 -2.83
N SER A 11 -5.83 3.16 -6.70
CA SER A 11 -5.59 2.32 -7.83
C SER A 11 -4.19 2.55 -8.42
N MET A 12 -3.40 3.34 -7.72
CA MET A 12 -2.05 3.66 -8.18
C MET A 12 -1.07 2.63 -7.67
N ARG A 13 -1.31 2.20 -6.45
CA ARG A 13 -0.51 1.18 -5.77
C ARG A 13 0.97 1.56 -5.76
N ASP A 14 1.31 2.46 -4.87
CA ASP A 14 2.63 3.09 -4.84
C ASP A 14 3.45 2.68 -3.61
N CYS A 15 2.98 1.71 -2.88
CA CYS A 15 3.68 1.24 -1.68
C CYS A 15 4.92 0.47 -2.06
N CYS A 16 5.81 0.28 -1.09
CA CYS A 16 7.02 -0.52 -1.28
C CYS A 16 6.67 -1.95 -1.67
N THR A 17 5.60 -2.44 -1.09
CA THR A 17 5.14 -3.77 -1.36
C THR A 17 3.99 -3.71 -2.38
N THR A 18 2.84 -3.36 -1.89
CA THR A 18 1.68 -3.18 -2.67
C THR A 18 0.65 -2.46 -1.80
N CYS A 19 -0.43 -2.09 -2.38
CA CYS A 19 -1.46 -1.32 -1.76
C CYS A 19 -2.69 -2.17 -1.68
N ILE A 20 -3.24 -2.29 -0.51
CA ILE A 20 -4.43 -3.02 -0.29
C ILE A 20 -5.58 -2.15 -0.79
N SER A 21 -5.97 -2.38 -2.02
CA SER A 21 -6.93 -1.60 -2.78
C SER A 21 -8.27 -1.32 -2.04
N TYR A 22 -8.65 -2.16 -1.09
CA TYR A 22 -9.89 -1.96 -0.38
C TYR A 22 -9.77 -0.84 0.67
N THR A 23 -8.80 -0.96 1.55
CA THR A 23 -8.66 -0.02 2.66
C THR A 23 -7.65 1.10 2.34
N LYS A 24 -6.94 0.97 1.23
CA LYS A 24 -5.91 1.91 0.78
C LYS A 24 -4.80 2.05 1.80
N ARG A 25 -4.23 0.91 2.16
CA ARG A 25 -3.09 0.87 3.04
C ARG A 25 -2.06 -0.05 2.45
N CYS A 26 -0.86 0.07 2.88
CA CYS A 26 0.21 -0.69 2.32
C CYS A 26 0.31 -2.04 2.99
N ARG A 27 0.54 -3.03 2.18
CA ARG A 27 0.66 -4.39 2.64
C ARG A 27 1.98 -4.57 3.35
N LYS A 28 2.09 -5.61 4.14
CA LYS A 28 3.36 -6.01 4.71
C LYS A 28 4.20 -6.63 3.62
N TYR A 29 5.35 -7.05 3.97
CA TYR A 29 6.27 -7.60 3.03
C TYR A 29 5.80 -8.95 2.53
N TYR A 30 5.67 -9.88 3.41
CA TYR A 30 5.23 -11.19 3.06
C TYR A 30 3.96 -11.51 3.83
N CYS A 1 8.70 5.33 -2.16
CA CYS A 1 7.44 4.62 -2.09
C CYS A 1 6.97 4.57 -0.68
N LYS A 2 5.69 4.31 -0.50
CA LYS A 2 5.12 4.24 0.82
C LYS A 2 5.46 2.93 1.50
N PRO A 3 5.92 2.98 2.75
CA PRO A 3 6.28 1.80 3.52
C PRO A 3 5.04 0.94 3.88
N HYP A 4 5.25 -0.36 4.19
CA HYP A 4 4.14 -1.28 4.54
C HYP A 4 3.33 -0.76 5.71
O HYP A 4 3.88 -0.31 6.73
CB HYP A 4 4.87 -2.57 4.92
CG HYP A 4 6.21 -2.44 4.31
CD HYP A 4 6.55 -1.00 4.38
OD1 HYP A 4 6.16 -2.79 2.95
HA HYP A 4 3.49 -1.45 3.70
HB2 HYP A 4 4.33 -3.42 4.52
HB3 HYP A 4 4.93 -2.65 6.00
HG HYP A 4 6.92 -3.10 4.80
HD22 HYP A 4 7.23 -0.74 3.58
HD23 HYP A 4 6.99 -0.76 5.33
HD1 HYP A 4 7.06 -2.59 2.63
N GLY A 5 2.01 -0.79 5.54
CA GLY A 5 1.13 -0.32 6.57
C GLY A 5 0.76 1.13 6.45
N SER A 6 1.36 1.81 5.51
CA SER A 6 0.99 3.18 5.24
C SER A 6 -0.31 3.20 4.53
N LYS A 7 -0.84 4.34 4.46
CA LYS A 7 -2.04 4.58 3.74
C LYS A 7 -1.62 4.93 2.34
N CYS A 8 -2.31 4.45 1.35
CA CYS A 8 -1.85 4.63 -0.01
C CYS A 8 -2.90 5.04 -0.98
N SER A 9 -2.43 5.44 -2.13
CA SER A 9 -3.22 5.84 -3.20
C SER A 9 -3.73 4.57 -3.91
N HYP A 10 -5.03 4.44 -4.10
CA HYP A 10 -5.61 3.17 -4.58
C HYP A 10 -5.45 2.94 -6.08
O HYP A 10 -5.53 1.81 -6.55
CB HYP A 10 -7.09 3.33 -4.18
CG HYP A 10 -7.08 4.56 -3.33
CD HYP A 10 -6.09 5.42 -3.97
OD1 HYP A 10 -6.55 4.27 -2.05
HA HYP A 10 -5.19 2.33 -4.05
HB2 HYP A 10 -7.41 2.47 -3.62
HB3 HYP A 10 -7.69 3.45 -5.07
HG HYP A 10 -8.06 5.01 -3.22
HD22 HYP A 10 -5.82 6.24 -3.32
HD23 HYP A 10 -6.46 5.77 -4.92
HD1 HYP A 10 -5.61 4.51 -2.16
N SER A 11 -5.22 4.00 -6.83
CA SER A 11 -5.03 3.86 -8.25
C SER A 11 -3.54 3.91 -8.61
N MET A 12 -2.73 4.55 -7.76
CA MET A 12 -1.29 4.56 -7.99
C MET A 12 -0.64 3.31 -7.46
N ARG A 13 -1.13 2.88 -6.30
CA ARG A 13 -0.66 1.66 -5.63
C ARG A 13 0.87 1.77 -5.41
N ASP A 14 1.25 2.98 -5.02
CA ASP A 14 2.65 3.46 -4.92
C ASP A 14 3.37 3.02 -3.63
N CYS A 15 3.02 1.88 -3.11
CA CYS A 15 3.70 1.36 -1.95
C CYS A 15 4.94 0.61 -2.39
N CYS A 16 5.85 0.43 -1.48
CA CYS A 16 7.06 -0.32 -1.74
C CYS A 16 6.73 -1.79 -2.04
N THR A 17 5.70 -2.30 -1.40
CA THR A 17 5.22 -3.62 -1.69
C THR A 17 4.11 -3.51 -2.72
N THR A 18 2.95 -3.17 -2.25
CA THR A 18 1.80 -2.95 -3.04
C THR A 18 0.75 -2.35 -2.13
N CYS A 19 -0.25 -1.76 -2.70
CA CYS A 19 -1.31 -1.10 -1.96
C CYS A 19 -2.51 -1.98 -2.03
N ILE A 20 -3.08 -2.30 -0.91
CA ILE A 20 -4.25 -3.11 -0.86
C ILE A 20 -5.44 -2.20 -1.03
N SER A 21 -5.96 -2.19 -2.24
CA SER A 21 -7.02 -1.29 -2.69
C SER A 21 -8.29 -1.33 -1.80
N TYR A 22 -8.49 -2.42 -1.08
CA TYR A 22 -9.64 -2.57 -0.20
C TYR A 22 -9.48 -1.69 1.04
N THR A 23 -8.38 -1.86 1.74
CA THR A 23 -8.17 -1.18 3.00
C THR A 23 -7.38 0.14 2.81
N LYS A 24 -6.89 0.36 1.60
CA LYS A 24 -6.13 1.57 1.19
C LYS A 24 -4.83 1.65 1.99
N ARG A 25 -4.23 0.49 2.27
CA ARG A 25 -3.00 0.44 3.04
C ARG A 25 -1.96 -0.36 2.31
N CYS A 26 -0.71 -0.21 2.69
CA CYS A 26 0.35 -0.88 2.02
C CYS A 26 0.49 -2.25 2.61
N ARG A 27 0.67 -3.21 1.76
CA ARG A 27 0.78 -4.59 2.15
C ARG A 27 2.00 -4.81 3.03
N LYS A 28 1.88 -5.73 3.96
CA LYS A 28 2.97 -6.09 4.83
C LYS A 28 3.88 -7.06 4.09
N TYR A 29 4.93 -7.45 4.75
CA TYR A 29 5.83 -8.46 4.25
C TYR A 29 5.12 -9.79 4.35
N TYR A 30 4.58 -10.02 5.51
CA TYR A 30 3.78 -11.16 5.81
C TYR A 30 2.49 -10.69 6.43
N CYS A 1 8.93 5.49 -1.40
CA CYS A 1 7.67 4.77 -1.53
C CYS A 1 6.86 5.00 -0.29
N LYS A 2 5.72 4.40 -0.22
CA LYS A 2 4.97 4.37 1.00
C LYS A 2 5.34 3.11 1.76
N PRO A 3 5.68 3.26 3.05
CA PRO A 3 6.04 2.12 3.92
C PRO A 3 4.86 1.15 4.08
N HYP A 4 5.12 -0.10 4.40
CA HYP A 4 4.05 -1.08 4.61
C HYP A 4 3.17 -0.69 5.79
O HYP A 4 3.67 -0.36 6.87
CB HYP A 4 4.81 -2.39 4.87
CG HYP A 4 6.22 -2.07 4.52
CD HYP A 4 6.40 -0.65 4.86
OD1 HYP A 4 6.44 -2.19 3.12
HA HYP A 4 3.43 -1.17 3.73
HB2 HYP A 4 4.42 -3.18 4.24
HB3 HYP A 4 4.70 -2.67 5.91
HG HYP A 4 6.91 -2.74 5.01
HD22 HYP A 4 7.22 -0.23 4.31
HD23 HYP A 4 6.54 -0.53 5.92
HD1 HYP A 4 7.39 -2.37 3.06
N GLY A 5 1.87 -0.70 5.56
CA GLY A 5 0.95 -0.26 6.58
C GLY A 5 0.50 1.16 6.37
N SER A 6 1.25 1.89 5.54
CA SER A 6 0.92 3.27 5.21
C SER A 6 -0.37 3.33 4.49
N LYS A 7 -0.82 4.48 4.39
CA LYS A 7 -2.03 4.77 3.66
C LYS A 7 -1.59 4.93 2.24
N CYS A 8 -2.31 4.36 1.31
CA CYS A 8 -1.85 4.39 -0.06
C CYS A 8 -2.82 4.98 -1.04
N SER A 9 -2.36 5.05 -2.26
CA SER A 9 -3.07 5.55 -3.35
C SER A 9 -3.90 4.41 -4.00
N HYP A 10 -5.24 4.53 -3.90
CA HYP A 10 -6.27 3.50 -4.25
C HYP A 10 -5.86 2.41 -5.25
O HYP A 10 -5.92 1.22 -4.93
CB HYP A 10 -7.42 4.36 -4.80
CG HYP A 10 -6.98 5.76 -4.50
CD HYP A 10 -5.53 5.72 -4.69
OD1 HYP A 10 -7.14 6.03 -3.12
HA HYP A 10 -6.63 3.00 -3.35
HB2 HYP A 10 -8.34 4.12 -4.29
HB3 HYP A 10 -7.54 4.19 -5.87
HG HYP A 10 -7.51 6.51 -5.07
HD22 HYP A 10 -5.07 6.60 -4.27
HD23 HYP A 10 -5.28 5.60 -5.74
HD1 HYP A 10 -6.24 5.82 -2.82
N SER A 11 -5.45 2.77 -6.45
CA SER A 11 -5.02 1.79 -7.41
C SER A 11 -3.74 2.24 -8.13
N MET A 12 -2.92 3.03 -7.46
CA MET A 12 -1.67 3.51 -8.07
C MET A 12 -0.50 2.66 -7.65
N ARG A 13 -0.58 2.19 -6.42
CA ARG A 13 0.40 1.33 -5.80
C ARG A 13 1.81 1.95 -5.81
N ASP A 14 2.05 2.89 -4.93
CA ASP A 14 3.36 3.50 -4.80
C ASP A 14 4.01 3.10 -3.49
N CYS A 15 3.52 2.02 -2.94
CA CYS A 15 4.07 1.45 -1.72
C CYS A 15 5.23 0.57 -2.12
N CYS A 16 6.13 0.29 -1.20
CA CYS A 16 7.22 -0.64 -1.48
C CYS A 16 6.70 -2.06 -1.64
N THR A 17 5.57 -2.35 -1.04
CA THR A 17 4.95 -3.64 -1.19
C THR A 17 3.86 -3.64 -2.27
N THR A 18 2.68 -3.26 -1.86
CA THR A 18 1.48 -3.30 -2.65
C THR A 18 0.47 -2.40 -1.91
N CYS A 19 -0.54 -1.94 -2.58
CA CYS A 19 -1.55 -1.12 -1.97
C CYS A 19 -2.84 -1.91 -1.93
N ILE A 20 -3.36 -2.12 -0.75
CA ILE A 20 -4.62 -2.80 -0.58
C ILE A 20 -5.68 -1.79 -0.95
N SER A 21 -6.29 -2.00 -2.09
CA SER A 21 -7.17 -1.03 -2.70
C SER A 21 -8.43 -0.74 -1.85
N TYR A 22 -8.89 -1.75 -1.13
CA TYR A 22 -10.09 -1.63 -0.32
C TYR A 22 -9.85 -0.69 0.86
N THR A 23 -8.84 -1.02 1.64
CA THR A 23 -8.53 -0.32 2.88
C THR A 23 -7.67 0.95 2.62
N LYS A 24 -6.99 0.97 1.48
CA LYS A 24 -6.03 1.98 1.10
C LYS A 24 -4.85 2.00 2.03
N ARG A 25 -4.29 0.83 2.25
CA ARG A 25 -3.09 0.69 3.07
C ARG A 25 -2.08 -0.15 2.34
N CYS A 26 -0.85 -0.04 2.72
CA CYS A 26 0.17 -0.77 2.06
C CYS A 26 0.30 -2.13 2.69
N ARG A 27 0.43 -3.10 1.86
CA ARG A 27 0.51 -4.50 2.21
C ARG A 27 1.80 -4.77 3.01
N LYS A 28 1.90 -5.92 3.61
CA LYS A 28 3.13 -6.32 4.23
C LYS A 28 3.91 -7.11 3.21
N TYR A 29 5.06 -7.51 3.59
CA TYR A 29 5.92 -8.29 2.71
C TYR A 29 5.47 -9.71 2.81
N TYR A 30 5.57 -10.21 4.01
CA TYR A 30 5.18 -11.51 4.38
C TYR A 30 4.50 -11.35 5.72
N CYS A 1 8.62 5.47 -1.81
CA CYS A 1 7.41 4.67 -1.72
C CYS A 1 6.84 4.73 -0.34
N LYS A 2 5.59 4.41 -0.22
CA LYS A 2 4.92 4.40 1.05
C LYS A 2 5.28 3.10 1.79
N PRO A 3 5.66 3.21 3.07
CA PRO A 3 6.03 2.06 3.89
C PRO A 3 4.82 1.13 4.17
N HYP A 4 5.07 -0.14 4.55
CA HYP A 4 3.99 -1.10 4.83
C HYP A 4 3.08 -0.60 5.93
O HYP A 4 3.51 -0.36 7.08
CB HYP A 4 4.75 -2.36 5.28
CG HYP A 4 6.14 -2.14 4.84
CD HYP A 4 6.36 -0.68 4.97
OD1 HYP A 4 6.29 -2.48 3.49
HA HYP A 4 3.39 -1.31 3.96
HB2 HYP A 4 4.31 -3.23 4.80
HB3 HYP A 4 4.67 -2.45 6.36
HG HYP A 4 6.82 -2.75 5.42
HD22 HYP A 4 7.15 -0.35 4.31
HD23 HYP A 4 6.57 -0.42 6.00
HD1 HYP A 4 7.15 -2.12 3.24
N GLY A 5 1.82 -0.44 5.61
CA GLY A 5 0.86 0.06 6.55
C GLY A 5 0.49 1.50 6.29
N SER A 6 1.24 2.16 5.44
CA SER A 6 0.90 3.51 5.04
C SER A 6 -0.30 3.49 4.20
N LYS A 7 -0.80 4.63 3.99
CA LYS A 7 -1.96 4.79 3.19
C LYS A 7 -1.50 4.77 1.75
N CYS A 8 -2.30 4.24 0.89
CA CYS A 8 -1.94 4.19 -0.52
C CYS A 8 -3.01 4.69 -1.42
N SER A 9 -2.61 4.96 -2.61
CA SER A 9 -3.47 5.38 -3.64
C SER A 9 -3.85 4.13 -4.44
N HYP A 10 -5.12 3.98 -4.81
CA HYP A 10 -5.65 2.73 -5.41
C HYP A 10 -4.98 2.33 -6.74
O HYP A 10 -4.59 1.17 -6.91
CB HYP A 10 -7.14 3.07 -5.62
CG HYP A 10 -7.31 4.32 -4.82
CD HYP A 10 -6.08 5.07 -5.06
OD1 HYP A 10 -7.28 4.02 -3.46
HA HYP A 10 -5.57 1.91 -4.73
HB2 HYP A 10 -7.76 2.27 -5.24
HB3 HYP A 10 -7.34 3.23 -6.67
HG HYP A 10 -8.23 4.85 -5.05
HD22 HYP A 10 -5.96 5.87 -4.36
HD23 HYP A 10 -6.05 5.41 -6.09
HD1 HYP A 10 -6.37 4.25 -3.26
N SER A 11 -4.85 3.28 -7.66
CA SER A 11 -4.28 2.96 -8.95
C SER A 11 -2.78 3.18 -9.00
N MET A 12 -2.25 4.09 -8.16
CA MET A 12 -0.81 4.30 -8.13
C MET A 12 -0.14 3.13 -7.52
N ARG A 13 -0.73 2.67 -6.42
CA ARG A 13 -0.20 1.59 -5.63
C ARG A 13 1.25 1.95 -5.23
N ASP A 14 1.35 3.18 -4.73
CA ASP A 14 2.61 3.88 -4.41
C ASP A 14 3.31 3.39 -3.14
N CYS A 15 3.21 2.12 -2.90
CA CYS A 15 3.80 1.50 -1.75
C CYS A 15 5.04 0.78 -2.13
N CYS A 16 5.89 0.53 -1.16
CA CYS A 16 7.10 -0.22 -1.36
C CYS A 16 6.78 -1.67 -1.70
N THR A 17 5.71 -2.17 -1.12
CA THR A 17 5.25 -3.50 -1.40
C THR A 17 4.15 -3.45 -2.47
N THR A 18 2.96 -3.19 -2.03
CA THR A 18 1.81 -3.07 -2.86
C THR A 18 0.71 -2.42 -2.00
N CYS A 19 -0.40 -2.13 -2.59
CA CYS A 19 -1.49 -1.42 -1.93
C CYS A 19 -2.68 -2.32 -1.80
N ILE A 20 -3.20 -2.41 -0.61
CA ILE A 20 -4.43 -3.09 -0.35
C ILE A 20 -5.50 -2.03 -0.43
N SER A 21 -6.21 -1.96 -1.54
CA SER A 21 -7.16 -0.88 -1.77
C SER A 21 -8.44 -1.06 -0.91
N TYR A 22 -8.55 -2.18 -0.25
CA TYR A 22 -9.64 -2.40 0.69
C TYR A 22 -9.42 -1.56 1.93
N THR A 23 -8.28 -1.75 2.52
CA THR A 23 -7.88 -1.08 3.74
C THR A 23 -7.27 0.31 3.44
N LYS A 24 -6.91 0.50 2.16
CA LYS A 24 -6.25 1.70 1.62
C LYS A 24 -4.87 1.82 2.23
N ARG A 25 -4.25 0.69 2.52
CA ARG A 25 -2.95 0.68 3.16
C ARG A 25 -1.99 -0.19 2.39
N CYS A 26 -0.73 -0.01 2.64
CA CYS A 26 0.30 -0.74 1.96
C CYS A 26 0.48 -2.06 2.63
N ARG A 27 0.69 -3.09 1.85
CA ARG A 27 0.81 -4.45 2.34
C ARG A 27 2.10 -4.64 3.16
N LYS A 28 2.12 -5.69 3.95
CA LYS A 28 3.32 -6.15 4.61
C LYS A 28 4.05 -7.08 3.65
N TYR A 29 5.02 -7.76 4.14
CA TYR A 29 5.72 -8.74 3.33
C TYR A 29 4.81 -9.91 2.98
N TYR A 30 4.25 -10.53 3.98
CA TYR A 30 3.30 -11.57 3.79
C TYR A 30 1.95 -11.14 4.31
#